data_4B14
#
_entry.id   4B14
#
_cell.length_a   57.380
_cell.length_b   118.960
_cell.length_c   179.130
_cell.angle_alpha   90.00
_cell.angle_beta   90.00
_cell.angle_gamma   90.00
#
_symmetry.space_group_name_H-M   'P 21 21 21'
#
loop_
_entity.id
_entity.type
_entity.pdbx_description
1 polymer 'GLYCYLPEPTIDE N-TETRADECANOYLTRANSFERASE'
2 non-polymer 'DIMETHYL SULFOXIDE'
3 non-polymer '3-methoxybenzyl 3-methyl-4-(piperidin-4-yloxy)-1-benzofuran-2-carboxylate'
4 non-polymer 2-oxopentadecyl-CoA
5 non-polymer 'CHLORIDE ION'
6 non-polymer 'MAGNESIUM ION'
7 non-polymer 'SULFATE ION'
8 water water
#
_entity_poly.entity_id   1
_entity_poly.type   'polypeptide(L)'
_entity_poly.pdbx_seq_one_letter_code
;MDYKFWYTQPVPKINDEFNESVNEPFISDNKVEDVRKDEYKLPPGYSWYVCDVKDEKDRSEIYTLLTDNYVEDDDNIFRF
NYSAEFLLWALTSPNYLKTWHIGVKYDASNKLIGFISAIPTDICIHKRTIKMAEVNFLCVHKTLRSKRLAPVLIKEITRR
INLENIWQAIYTAGVYLPKPVSDARYYHRSINVKKLIEIGFSSLNSRLTMSRAIKLYRVEDTLNIKNMRLMKKKDVEGVH
KLLGSYLEQFNLYAVFTKEEIAHWFLPIENVIYTYVNEENGKIKDMISFYSLPSQILGNDKYSTLNAAYSFYNVTTTATF
KQLMQDAILLAKRNNFDVFNALEVMQNKSVFEDLKFGEGDGSLKYYLYNWKCASFAPAHVGIVLL
;
_entity_poly.pdbx_strand_id   A,B,C
#
loop_
_chem_comp.id
_chem_comp.type
_chem_comp.name
_chem_comp.formula
4XB non-polymer '3-methoxybenzyl 3-methyl-4-(piperidin-4-yloxy)-1-benzofuran-2-carboxylate' 'C23 H25 N O5'
CL non-polymer 'CHLORIDE ION' 'Cl -1'
DMS non-polymer 'DIMETHYL SULFOXIDE' 'C2 H6 O S'
MG non-polymer 'MAGNESIUM ION' 'Mg 2'
NHW non-polymer 2-oxopentadecyl-CoA 'C36 H64 N7 O17 P3 S'
SO4 non-polymer 'SULFATE ION' 'O4 S -2'
#
# COMPACT_ATOMS: atom_id res chain seq x y z
N MET A 1 17.11 18.35 -29.97
CA MET A 1 18.07 18.73 -31.04
C MET A 1 18.05 17.72 -32.25
N ASP A 2 19.09 16.93 -32.53
CA ASP A 2 19.05 15.96 -33.69
C ASP A 2 19.29 14.48 -33.33
N TYR A 3 19.99 14.33 -32.19
CA TYR A 3 20.46 13.09 -31.56
C TYR A 3 20.99 12.00 -32.52
N LYS A 4 22.01 12.35 -33.28
CA LYS A 4 22.45 11.44 -34.32
C LYS A 4 23.07 10.17 -33.79
N PHE A 5 23.69 10.18 -32.59
CA PHE A 5 24.15 8.92 -31.99
C PHE A 5 22.97 8.16 -31.40
N TRP A 6 22.17 8.85 -30.59
CA TRP A 6 21.09 8.20 -29.85
C TRP A 6 20.02 7.54 -30.72
N TYR A 7 19.72 8.18 -31.84
CA TYR A 7 18.86 7.66 -32.86
C TYR A 7 19.27 6.29 -33.45
N THR A 8 20.55 5.88 -33.32
CA THR A 8 20.99 4.57 -33.83
C THR A 8 20.95 3.54 -32.71
N GLN A 9 20.51 3.97 -31.51
CA GLN A 9 20.51 3.12 -30.35
C GLN A 9 19.12 2.53 -30.08
N PRO A 10 19.03 1.37 -29.37
CA PRO A 10 17.69 0.86 -28.95
C PRO A 10 17.03 1.62 -27.75
N VAL A 11 16.47 2.81 -28.01
CA VAL A 11 15.90 3.63 -27.02
C VAL A 11 14.80 4.30 -27.78
N PRO A 12 13.82 4.87 -27.10
CA PRO A 12 12.70 5.54 -27.77
C PRO A 12 13.10 6.82 -28.56
N LYS A 13 12.31 7.09 -29.58
CA LYS A 13 12.34 8.37 -30.30
CA LYS A 13 12.41 8.35 -30.28
C LYS A 13 11.83 9.48 -29.41
N ILE A 14 12.21 10.72 -29.71
CA ILE A 14 11.73 11.85 -28.91
C ILE A 14 10.19 11.85 -28.79
N ASN A 15 9.50 11.46 -29.86
CA ASN A 15 8.06 11.49 -29.91
C ASN A 15 7.37 10.20 -29.49
N ASP A 16 8.15 9.21 -29.04
CA ASP A 16 7.58 7.93 -28.62
C ASP A 16 6.87 8.06 -27.28
N GLU A 17 5.68 7.48 -27.17
CA GLU A 17 5.00 7.43 -25.89
C GLU A 17 4.22 6.10 -25.83
N PHE A 18 4.38 5.37 -24.73
CA PHE A 18 3.91 4.00 -24.74
C PHE A 18 2.76 3.82 -23.72
N ASN A 19 1.81 2.96 -24.05
CA ASN A 19 0.78 2.51 -23.06
C ASN A 19 1.39 1.86 -21.82
N GLU A 20 0.76 2.10 -20.66
CA GLU A 20 1.13 1.42 -19.43
C GLU A 20 1.36 -0.09 -19.62
N SER A 21 0.60 -0.73 -20.51
CA SER A 21 0.75 -2.15 -20.74
C SER A 21 2.05 -2.56 -21.53
N VAL A 22 2.66 -1.61 -22.24
CA VAL A 22 3.99 -1.84 -22.81
C VAL A 22 5.11 -1.93 -21.76
N ASN A 23 5.82 -3.04 -21.76
CA ASN A 23 6.94 -3.35 -20.84
C ASN A 23 7.88 -4.41 -21.40
N GLU A 24 8.71 -4.04 -22.35
CA GLU A 24 9.47 -5.08 -23.08
C GLU A 24 10.73 -4.48 -23.67
N PRO A 25 11.72 -5.34 -24.04
CA PRO A 25 12.88 -4.72 -24.69
C PRO A 25 12.53 -4.10 -26.10
N PHE A 26 13.27 -3.11 -26.53
CA PHE A 26 13.27 -2.82 -27.95
C PHE A 26 13.76 -4.01 -28.83
N ILE A 27 14.86 -4.60 -28.43
CA ILE A 27 15.47 -5.71 -29.18
C ILE A 27 15.65 -6.91 -28.27
N SER A 28 14.95 -7.96 -28.61
CA SER A 28 14.89 -9.17 -27.82
C SER A 28 15.72 -10.21 -28.53
N ASP A 29 15.87 -11.34 -27.86
CA ASP A 29 16.44 -12.53 -28.53
C ASP A 29 17.95 -12.42 -28.79
N ASN A 30 18.62 -11.54 -28.06
CA ASN A 30 20.04 -11.27 -28.31
C ASN A 30 20.92 -12.46 -27.97
N LYS A 31 22.10 -12.45 -28.58
CA LYS A 31 22.95 -13.62 -28.62
C LYS A 31 24.40 -13.21 -28.25
N VAL A 32 24.92 -13.75 -27.12
CA VAL A 32 26.26 -13.48 -26.61
C VAL A 32 27.28 -13.83 -27.69
N GLU A 33 27.06 -14.96 -28.35
CA GLU A 33 27.98 -15.47 -29.35
C GLU A 33 28.10 -14.50 -30.54
N ASP A 34 27.08 -13.67 -30.77
CA ASP A 34 27.19 -12.64 -31.87
C ASP A 34 27.79 -11.28 -31.52
N VAL A 35 28.17 -11.10 -30.26
CA VAL A 35 28.60 -9.80 -29.81
C VAL A 35 30.00 -9.54 -30.26
N ARG A 36 30.31 -8.31 -30.72
CA ARG A 36 31.69 -7.96 -31.16
C ARG A 36 32.70 -8.32 -30.09
N LYS A 37 33.78 -8.98 -30.46
CA LYS A 37 34.82 -9.34 -29.49
C LYS A 37 35.99 -8.34 -29.58
N ASP A 38 35.93 -7.39 -30.54
CA ASP A 38 36.99 -6.40 -30.75
C ASP A 38 36.67 -5.08 -30.08
N GLU A 39 37.65 -4.41 -29.43
CA GLU A 39 37.41 -3.10 -28.84
C GLU A 39 37.08 -2.04 -29.88
N TYR A 40 36.18 -1.17 -29.49
CA TYR A 40 35.85 0.01 -30.29
C TYR A 40 37.10 0.83 -30.61
N LYS A 41 37.16 1.31 -31.84
CA LYS A 41 38.30 2.10 -32.22
C LYS A 41 38.24 3.48 -31.59
N LEU A 42 39.35 3.83 -30.94
CA LEU A 42 39.67 5.17 -30.48
C LEU A 42 40.52 5.99 -31.41
N PRO A 43 40.48 7.31 -31.21
CA PRO A 43 41.18 8.05 -32.27
C PRO A 43 42.62 7.80 -32.13
N PRO A 44 43.38 8.07 -33.20
CA PRO A 44 44.83 7.87 -33.08
C PRO A 44 45.45 8.55 -31.85
N GLY A 45 46.36 7.81 -31.20
CA GLY A 45 47.06 8.23 -29.95
C GLY A 45 46.34 8.06 -28.62
N TYR A 46 45.31 7.21 -28.60
CA TYR A 46 44.46 6.97 -27.44
C TYR A 46 44.28 5.47 -27.29
N SER A 47 44.29 5.01 -26.05
CA SER A 47 44.22 3.57 -25.74
C SER A 47 43.20 3.31 -24.63
N TRP A 48 42.47 2.20 -24.76
CA TRP A 48 41.71 1.61 -23.64
C TRP A 48 42.58 1.29 -22.48
N TYR A 49 41.98 1.33 -21.28
CA TYR A 49 42.76 1.01 -20.11
C TYR A 49 41.85 0.34 -19.11
N VAL A 50 42.24 -0.81 -18.54
CA VAL A 50 41.33 -1.38 -17.53
C VAL A 50 41.71 -0.87 -16.16
N CYS A 51 40.75 -0.18 -15.55
CA CYS A 51 40.99 0.48 -14.28
C CYS A 51 40.74 -0.55 -13.22
N ASP A 52 41.71 -0.69 -12.31
CA ASP A 52 41.45 -1.50 -11.13
C ASP A 52 41.16 -0.56 -9.95
N VAL A 53 39.85 -0.42 -9.65
CA VAL A 53 39.38 0.50 -8.59
CA VAL A 53 39.45 0.55 -8.62
C VAL A 53 39.91 0.14 -7.21
N LYS A 54 40.24 -1.15 -7.02
CA LYS A 54 40.87 -1.52 -5.72
C LYS A 54 42.38 -1.20 -5.56
N ASP A 55 43.01 -0.85 -6.66
CA ASP A 55 44.37 -0.26 -6.62
C ASP A 55 44.32 1.24 -6.31
N GLU A 56 44.93 1.66 -5.21
CA GLU A 56 44.96 3.09 -4.87
C GLU A 56 45.36 4.03 -6.00
N LYS A 57 46.40 3.67 -6.76
CA LYS A 57 46.89 4.54 -7.86
C LYS A 57 45.86 4.72 -9.02
N ASP A 58 45.34 3.62 -9.54
CA ASP A 58 44.27 3.64 -10.55
C ASP A 58 43.05 4.36 -10.07
N ARG A 59 42.67 4.14 -8.81
CA ARG A 59 41.51 4.82 -8.25
C ARG A 59 41.79 6.35 -8.16
N SER A 60 43.00 6.69 -7.74
N SER A 60 43.00 6.71 -7.75
CA SER A 60 43.41 8.09 -7.67
CA SER A 60 43.37 8.13 -7.69
C SER A 60 43.40 8.79 -9.03
C SER A 60 43.36 8.82 -9.06
N GLU A 61 43.74 8.06 -10.09
CA GLU A 61 43.74 8.71 -11.39
CA GLU A 61 43.73 8.62 -11.45
C GLU A 61 42.29 8.96 -11.92
N ILE A 62 41.36 8.08 -11.57
CA ILE A 62 39.92 8.27 -11.90
C ILE A 62 39.46 9.44 -11.07
N TYR A 63 39.84 9.46 -9.80
CA TYR A 63 39.45 10.54 -8.90
C TYR A 63 39.92 11.91 -9.40
N THR A 64 41.15 11.99 -9.90
CA THR A 64 41.65 13.33 -10.42
C THR A 64 40.86 13.70 -11.71
N LEU A 65 40.59 12.72 -12.55
CA LEU A 65 39.79 12.97 -13.79
C LEU A 65 38.44 13.58 -13.47
N LEU A 66 37.75 12.93 -12.55
CA LEU A 66 36.44 13.43 -12.24
C LEU A 66 36.51 14.73 -11.46
N THR A 67 37.51 14.88 -10.60
CA THR A 67 37.68 16.11 -9.80
C THR A 67 37.81 17.30 -10.74
N ASP A 68 38.48 17.08 -11.86
CA ASP A 68 38.74 18.26 -12.68
C ASP A 68 37.73 18.34 -13.81
N ASN A 69 37.03 17.25 -14.13
CA ASN A 69 36.29 17.27 -15.39
C ASN A 69 34.80 16.87 -15.36
N TYR A 70 34.27 16.65 -14.17
CA TYR A 70 32.97 16.01 -14.03
C TYR A 70 31.94 17.08 -14.05
N VAL A 71 30.73 16.70 -13.59
CA VAL A 71 29.52 17.52 -13.71
C VAL A 71 29.56 18.87 -12.94
N GLU A 72 29.22 19.96 -13.62
CA GLU A 72 29.09 21.27 -13.03
C GLU A 72 27.64 21.72 -13.02
N ASP A 73 27.38 22.69 -12.15
CA ASP A 73 26.11 23.37 -12.17
C ASP A 73 25.98 24.26 -13.43
N ASP A 74 24.74 24.68 -13.68
CA ASP A 74 24.45 25.44 -14.90
C ASP A 74 25.32 26.70 -14.97
N ASP A 75 25.61 27.34 -13.85
CA ASP A 75 26.41 28.55 -13.87
CA ASP A 75 26.41 28.58 -13.83
C ASP A 75 27.93 28.32 -13.70
N ASN A 76 28.36 27.05 -13.65
CA ASN A 76 29.81 26.70 -13.67
C ASN A 76 30.54 27.32 -12.51
N ILE A 77 29.88 27.26 -11.33
CA ILE A 77 30.34 27.81 -10.05
C ILE A 77 30.73 26.64 -9.08
N PHE A 78 29.99 25.52 -9.23
CA PHE A 78 30.25 24.24 -8.53
C PHE A 78 30.57 23.03 -9.44
N ARG A 79 31.41 22.10 -8.96
CA ARG A 79 31.64 20.83 -9.68
C ARG A 79 31.53 19.65 -8.70
N PHE A 80 30.76 18.61 -9.04
CA PHE A 80 30.77 17.42 -8.21
C PHE A 80 32.18 16.90 -7.94
N ASN A 81 32.40 16.50 -6.70
CA ASN A 81 33.74 16.08 -6.25
C ASN A 81 33.72 14.81 -5.43
N TYR A 82 33.31 13.70 -6.08
CA TYR A 82 33.20 12.41 -5.50
C TYR A 82 34.57 12.02 -4.92
N SER A 83 34.63 11.54 -3.68
CA SER A 83 35.95 11.15 -3.11
C SER A 83 36.37 9.86 -3.68
N ALA A 84 37.67 9.58 -3.52
CA ALA A 84 38.23 8.31 -3.94
C ALA A 84 37.65 7.18 -3.17
N GLU A 85 37.44 7.37 -1.86
CA GLU A 85 36.81 6.36 -1.06
C GLU A 85 35.34 6.08 -1.50
N PHE A 86 34.62 7.15 -1.93
CA PHE A 86 33.29 7.01 -2.51
C PHE A 86 33.28 6.18 -3.80
N LEU A 87 34.25 6.45 -4.68
CA LEU A 87 34.37 5.75 -5.92
C LEU A 87 34.57 4.27 -5.64
N LEU A 88 35.44 3.95 -4.66
CA LEU A 88 35.65 2.58 -4.29
C LEU A 88 34.32 1.87 -3.93
N TRP A 89 33.57 2.54 -3.05
CA TRP A 89 32.26 2.06 -2.66
C TRP A 89 31.32 1.92 -3.78
N ALA A 90 31.17 2.94 -4.58
CA ALA A 90 30.27 2.95 -5.71
C ALA A 90 30.52 1.87 -6.78
N LEU A 91 31.79 1.39 -6.91
CA LEU A 91 32.15 0.64 -8.10
C LEU A 91 32.51 -0.82 -7.73
N THR A 92 32.49 -1.11 -6.43
CA THR A 92 32.92 -2.44 -5.98
C THR A 92 31.80 -3.16 -5.26
N SER A 93 30.57 -2.88 -5.65
CA SER A 93 29.44 -3.65 -5.18
C SER A 93 29.44 -5.14 -5.52
N PRO A 94 28.50 -5.88 -4.89
CA PRO A 94 28.52 -7.33 -5.18
C PRO A 94 28.47 -7.76 -6.63
N ASN A 95 29.40 -8.67 -6.94
CA ASN A 95 29.56 -9.28 -8.23
C ASN A 95 29.91 -8.32 -9.36
N TYR A 96 30.55 -7.20 -8.97
CA TYR A 96 31.01 -6.28 -9.97
C TYR A 96 32.06 -6.89 -10.83
N LEU A 97 32.06 -6.39 -12.05
CA LEU A 97 33.13 -6.72 -13.00
C LEU A 97 34.15 -5.59 -13.18
N LYS A 98 35.42 -5.90 -12.95
CA LYS A 98 36.51 -4.96 -13.21
C LYS A 98 36.52 -4.50 -14.67
N THR A 99 36.11 -5.38 -15.58
CA THR A 99 36.23 -4.92 -16.97
C THR A 99 35.04 -4.08 -17.47
N TRP A 100 34.09 -3.73 -16.58
CA TRP A 100 33.12 -2.64 -16.85
C TRP A 100 33.62 -1.36 -16.19
N HIS A 101 34.89 -1.28 -15.88
CA HIS A 101 35.41 -0.01 -15.33
C HIS A 101 36.45 0.48 -16.32
N ILE A 102 36.04 1.35 -17.20
CA ILE A 102 36.71 1.56 -18.49
C ILE A 102 37.34 2.94 -18.56
N GLY A 103 38.67 3.00 -18.71
CA GLY A 103 39.43 4.22 -18.83
C GLY A 103 39.99 4.33 -20.24
N VAL A 104 40.25 5.57 -20.67
CA VAL A 104 40.85 5.93 -21.97
C VAL A 104 42.03 6.77 -21.59
N LYS A 105 43.24 6.34 -21.99
CA LYS A 105 44.41 7.16 -21.81
C LYS A 105 44.93 7.79 -23.11
N TYR A 106 45.60 8.92 -22.97
CA TYR A 106 46.30 9.57 -24.09
C TYR A 106 47.68 8.97 -24.07
N ASP A 107 48.03 8.30 -25.19
CA ASP A 107 49.30 7.58 -25.39
CA ASP A 107 49.24 7.51 -25.17
C ASP A 107 50.50 8.36 -24.81
N ALA A 108 50.69 9.56 -25.35
CA ALA A 108 51.94 10.28 -25.20
C ALA A 108 52.23 10.73 -23.79
N SER A 109 51.20 11.18 -23.05
CA SER A 109 51.31 11.54 -21.64
C SER A 109 51.06 10.37 -20.68
N ASN A 110 50.38 9.33 -21.15
CA ASN A 110 49.95 8.19 -20.29
C ASN A 110 48.88 8.58 -19.27
N LYS A 111 48.24 9.71 -19.53
CA LYS A 111 47.31 10.31 -18.54
C LYS A 111 45.89 9.84 -18.89
N LEU A 112 45.09 9.54 -17.86
CA LEU A 112 43.70 9.13 -18.07
C LEU A 112 42.97 10.40 -18.49
N ILE A 113 42.22 10.35 -19.60
CA ILE A 113 41.41 11.49 -20.11
C ILE A 113 39.94 11.07 -20.32
N GLY A 114 39.61 9.85 -20.04
CA GLY A 114 38.21 9.41 -20.27
C GLY A 114 37.88 8.23 -19.39
N PHE A 115 36.56 8.14 -19.04
CA PHE A 115 36.15 7.14 -18.11
C PHE A 115 34.68 6.83 -18.30
N ILE A 116 34.29 5.57 -18.04
CA ILE A 116 32.86 5.18 -17.97
C ILE A 116 32.77 3.95 -17.15
N SER A 117 31.70 3.76 -16.40
CA SER A 117 31.63 2.63 -15.54
C SER A 117 30.24 2.04 -15.53
N ALA A 118 30.14 0.76 -15.17
CA ALA A 118 28.85 0.12 -14.89
C ALA A 118 28.98 -0.94 -13.75
N ILE A 119 27.89 -1.19 -12.99
CA ILE A 119 27.82 -2.23 -12.01
C ILE A 119 26.55 -3.06 -12.32
N PRO A 120 26.54 -4.35 -12.03
CA PRO A 120 25.34 -5.17 -12.24
C PRO A 120 24.37 -5.01 -11.11
N THR A 121 23.10 -4.85 -11.49
CA THR A 121 22.01 -4.63 -10.44
C THR A 121 20.69 -5.23 -10.99
N ASP A 122 19.88 -5.87 -10.16
CA ASP A 122 18.57 -6.39 -10.61
C ASP A 122 17.52 -5.29 -10.55
N ILE A 123 16.96 -4.90 -11.68
CA ILE A 123 16.00 -3.76 -11.73
C ILE A 123 14.55 -4.24 -12.02
N CYS A 124 13.65 -3.86 -11.13
CA CYS A 124 12.24 -4.08 -11.35
C CYS A 124 11.60 -2.87 -11.99
N ILE A 125 11.14 -3.02 -13.25
CA ILE A 125 10.54 -1.98 -14.03
C ILE A 125 9.16 -2.49 -14.31
N HIS A 126 8.19 -1.87 -13.68
CA HIS A 126 6.78 -2.19 -13.96
C HIS A 126 6.51 -3.67 -13.73
N LYS A 127 7.03 -4.14 -12.57
CA LYS A 127 6.83 -5.51 -12.07
C LYS A 127 7.52 -6.61 -12.90
N ARG A 128 8.45 -6.21 -13.76
CA ARG A 128 9.37 -7.11 -14.41
C ARG A 128 10.78 -6.88 -13.88
N THR A 129 11.37 -7.96 -13.38
CA THR A 129 12.67 -7.87 -12.74
C THR A 129 13.73 -8.35 -13.75
N ILE A 130 14.57 -7.42 -14.17
CA ILE A 130 15.54 -7.64 -15.24
C ILE A 130 16.97 -7.40 -14.71
N LYS A 131 17.87 -8.34 -14.98
CA LYS A 131 19.33 -8.08 -14.85
C LYS A 131 19.78 -6.85 -15.72
N MET A 132 20.24 -5.80 -15.09
CA MET A 132 20.68 -4.66 -15.83
C MET A 132 22.07 -4.23 -15.40
N ALA A 133 22.60 -3.21 -16.07
CA ALA A 133 23.86 -2.53 -15.68
C ALA A 133 23.51 -1.12 -15.32
N GLU A 134 23.98 -0.63 -14.15
CA GLU A 134 23.83 0.74 -13.81
C GLU A 134 25.08 1.53 -14.22
N VAL A 135 24.88 2.47 -15.13
CA VAL A 135 26.01 3.19 -15.77
C VAL A 135 26.18 4.51 -15.07
N ASN A 136 27.42 4.87 -14.80
CA ASN A 136 27.71 6.10 -14.08
C ASN A 136 29.06 6.60 -14.38
N PHE A 137 29.29 7.83 -14.02
CA PHE A 137 30.64 8.44 -14.05
C PHE A 137 31.26 8.48 -15.46
N LEU A 138 30.43 8.53 -16.50
CA LEU A 138 30.94 8.96 -17.80
C LEU A 138 31.60 10.34 -17.75
N CYS A 139 32.84 10.38 -18.25
CA CYS A 139 33.56 11.60 -18.14
C CYS A 139 34.61 11.63 -19.24
N VAL A 140 34.60 12.74 -19.99
CA VAL A 140 35.68 13.06 -20.94
C VAL A 140 36.35 14.41 -20.55
N HIS A 141 37.66 14.44 -20.70
CA HIS A 141 38.48 15.56 -20.22
C HIS A 141 37.92 16.78 -20.89
N LYS A 142 37.84 17.90 -20.19
CA LYS A 142 37.34 19.17 -20.74
C LYS A 142 38.03 19.62 -22.04
N THR A 143 39.29 19.24 -22.18
CA THR A 143 40.02 19.69 -23.42
C THR A 143 39.64 18.91 -24.66
N LEU A 144 38.87 17.84 -24.47
CA LEU A 144 38.58 16.92 -25.57
C LEU A 144 37.08 16.78 -25.80
N ARG A 145 36.33 17.79 -25.45
CA ARG A 145 34.89 17.75 -25.54
C ARG A 145 34.45 18.04 -26.96
N SER A 146 33.28 17.48 -27.29
CA SER A 146 32.60 17.62 -28.62
C SER A 146 33.42 16.94 -29.71
N LYS A 147 34.05 15.82 -29.41
CA LYS A 147 34.93 15.15 -30.41
C LYS A 147 34.33 13.78 -30.69
N ARG A 148 33.10 13.62 -30.24
CA ARG A 148 32.41 12.36 -30.35
C ARG A 148 33.10 11.21 -29.65
N LEU A 149 33.87 11.50 -28.58
CA LEU A 149 34.44 10.42 -27.74
C LEU A 149 33.37 9.77 -26.87
N ALA A 150 32.27 10.47 -26.51
CA ALA A 150 31.39 9.85 -25.52
C ALA A 150 30.64 8.68 -26.16
N PRO A 151 30.27 8.76 -27.48
CA PRO A 151 29.66 7.52 -28.03
C PRO A 151 30.58 6.25 -28.15
N VAL A 152 31.87 6.49 -28.28
CA VAL A 152 32.85 5.38 -28.27
C VAL A 152 32.87 4.67 -26.90
N LEU A 153 32.80 5.49 -25.82
CA LEU A 153 32.76 4.97 -24.45
C LEU A 153 31.49 4.24 -24.22
N ILE A 154 30.38 4.84 -24.66
CA ILE A 154 29.07 4.17 -24.53
C ILE A 154 29.09 2.84 -25.26
N LYS A 155 29.54 2.83 -26.51
CA LYS A 155 29.40 1.64 -27.32
C LYS A 155 30.30 0.53 -26.73
N GLU A 156 31.48 0.93 -26.30
CA GLU A 156 32.42 -0.04 -25.73
C GLU A 156 31.86 -0.62 -24.43
N ILE A 157 31.26 0.20 -23.51
CA ILE A 157 30.69 -0.45 -22.38
C ILE A 157 29.50 -1.31 -22.78
N THR A 158 28.64 -0.88 -23.73
CA THR A 158 27.50 -1.68 -24.10
C THR A 158 28.01 -3.08 -24.53
N ARG A 159 29.02 -3.10 -25.41
CA ARG A 159 29.66 -4.35 -25.84
C ARG A 159 30.14 -5.22 -24.65
N ARG A 160 30.87 -4.64 -23.71
CA ARG A 160 31.32 -5.32 -22.51
C ARG A 160 30.18 -5.89 -21.60
N ILE A 161 29.05 -5.16 -21.54
CA ILE A 161 27.91 -5.53 -20.73
C ILE A 161 27.27 -6.69 -21.50
N ASN A 162 27.15 -6.53 -22.82
CA ASN A 162 26.47 -7.53 -23.63
C ASN A 162 27.19 -8.90 -23.56
N LEU A 163 28.51 -8.86 -23.46
CA LEU A 163 29.33 -10.02 -23.32
C LEU A 163 28.93 -10.86 -22.10
N GLU A 164 28.33 -10.18 -21.11
CA GLU A 164 27.83 -10.88 -19.93
C GLU A 164 26.35 -11.27 -20.09
N ASN A 165 25.85 -11.18 -21.33
CA ASN A 165 24.43 -11.51 -21.56
C ASN A 165 23.49 -10.59 -20.77
N ILE A 166 23.92 -9.35 -20.64
CA ILE A 166 23.03 -8.29 -20.15
C ILE A 166 22.77 -7.34 -21.31
N TRP A 167 21.50 -6.94 -21.49
CA TRP A 167 20.98 -6.21 -22.66
C TRP A 167 20.26 -4.96 -22.32
N GLN A 168 20.11 -4.71 -21.02
CA GLN A 168 19.53 -3.42 -20.63
C GLN A 168 20.42 -2.73 -19.65
N ALA A 169 20.22 -1.43 -19.53
CA ALA A 169 20.91 -0.64 -18.53
C ALA A 169 20.01 0.42 -17.97
N ILE A 170 20.50 1.02 -16.88
CA ILE A 170 19.80 2.18 -16.24
C ILE A 170 20.81 3.27 -15.99
N TYR A 171 20.41 4.53 -16.18
CA TYR A 171 21.30 5.70 -16.06
C TYR A 171 20.53 6.94 -15.78
N THR A 172 21.18 7.95 -15.21
CA THR A 172 20.51 9.21 -15.02
C THR A 172 21.38 10.29 -15.67
N ALA A 173 20.78 11.39 -16.14
CA ALA A 173 21.57 12.58 -16.49
C ALA A 173 20.70 13.81 -16.24
N GLY A 174 21.38 14.94 -16.19
CA GLY A 174 20.75 16.22 -16.11
C GLY A 174 20.28 16.66 -17.48
N VAL A 175 21.00 16.22 -18.52
CA VAL A 175 20.63 16.63 -19.90
C VAL A 175 19.50 15.74 -20.42
N TYR A 176 18.67 16.39 -21.24
CA TYR A 176 17.56 15.79 -21.88
C TYR A 176 18.10 14.97 -23.07
N LEU A 177 17.81 13.65 -23.10
CA LEU A 177 18.18 12.74 -24.15
C LEU A 177 16.98 11.83 -24.50
N PRO A 178 17.08 11.08 -25.61
CA PRO A 178 15.99 10.14 -25.91
C PRO A 178 16.07 8.88 -25.04
N LYS A 179 15.14 8.71 -24.10
CA LYS A 179 14.02 9.67 -23.76
C LYS A 179 13.68 9.23 -22.33
N PRO A 180 13.52 10.16 -21.37
CA PRO A 180 13.32 9.79 -19.96
C PRO A 180 12.10 8.90 -19.71
N VAL A 181 12.22 7.95 -18.79
CA VAL A 181 11.07 7.27 -18.25
C VAL A 181 10.46 8.09 -17.15
N SER A 182 11.27 8.93 -16.53
CA SER A 182 10.81 9.82 -15.52
C SER A 182 11.83 10.95 -15.39
N ASP A 183 11.39 12.05 -14.79
CA ASP A 183 12.10 13.30 -14.68
C ASP A 183 11.81 13.78 -13.22
N ALA A 184 12.86 13.89 -12.43
CA ALA A 184 12.69 14.29 -11.04
C ALA A 184 13.52 15.57 -10.73
N ARG A 185 12.81 16.62 -10.30
CA ARG A 185 13.41 17.82 -9.77
C ARG A 185 14.15 17.55 -8.46
N TYR A 186 15.22 18.28 -8.25
CA TYR A 186 15.94 18.27 -6.98
C TYR A 186 15.68 19.48 -6.15
N TYR A 187 15.83 19.26 -4.83
CA TYR A 187 15.53 20.24 -3.76
C TYR A 187 16.63 20.18 -2.74
N HIS A 188 16.86 21.33 -2.09
CA HIS A 188 18.01 21.61 -1.21
C HIS A 188 17.48 22.08 0.08
N ARG A 189 17.87 21.41 1.15
CA ARG A 189 17.43 21.89 2.46
C ARG A 189 18.69 22.51 3.11
N SER A 190 18.69 23.82 3.25
CA SER A 190 19.91 24.52 3.87
C SER A 190 20.12 24.08 5.32
N ILE A 191 21.38 23.77 5.69
CA ILE A 191 21.79 23.57 7.09
C ILE A 191 22.75 24.72 7.52
N ASN A 192 23.84 24.94 6.79
CA ASN A 192 24.75 26.11 7.14
CA ASN A 192 24.72 26.05 7.12
C ASN A 192 24.42 27.17 6.18
N VAL A 193 23.41 27.94 6.55
CA VAL A 193 22.77 28.94 5.79
CA VAL A 193 22.84 28.82 5.58
C VAL A 193 23.75 30.04 5.30
N LYS A 194 24.52 30.58 6.27
CA LYS A 194 25.42 31.70 5.98
C LYS A 194 26.46 31.26 4.96
N LYS A 195 26.99 30.04 5.12
CA LYS A 195 27.98 29.56 4.14
C LYS A 195 27.31 29.43 2.77
N LEU A 196 26.13 28.86 2.78
CA LEU A 196 25.38 28.78 1.53
C LEU A 196 25.14 30.12 0.80
N ILE A 197 24.91 31.20 1.53
CA ILE A 197 24.65 32.49 0.98
C ILE A 197 25.97 32.99 0.44
N GLU A 198 27.00 32.82 1.25
CA GLU A 198 28.32 33.33 0.93
C GLU A 198 28.87 32.81 -0.38
N ILE A 199 28.53 31.55 -0.63
CA ILE A 199 29.11 30.85 -1.83
C ILE A 199 28.10 30.91 -2.99
N GLY A 200 26.98 31.61 -2.80
CA GLY A 200 26.03 31.85 -3.85
C GLY A 200 25.18 30.64 -4.15
N PHE A 201 25.13 29.66 -3.24
CA PHE A 201 24.23 28.52 -3.43
C PHE A 201 22.81 28.92 -3.04
N SER A 202 22.69 29.72 -1.99
CA SER A 202 21.40 30.29 -1.56
C SER A 202 21.53 31.80 -1.62
N SER A 203 20.36 32.45 -1.58
CA SER A 203 20.20 33.91 -1.60
C SER A 203 19.21 34.42 -0.56
N LEU A 204 19.48 35.64 -0.11
CA LEU A 204 18.63 36.53 0.71
C LEU A 204 17.84 37.53 -0.13
N ASN A 205 16.58 37.76 0.25
CA ASN A 205 15.74 38.88 -0.23
C ASN A 205 15.50 39.82 0.96
N SER A 206 15.12 41.09 0.73
CA SER A 206 15.01 42.05 1.85
C SER A 206 14.11 41.62 3.02
N ARG A 207 13.09 40.80 2.71
CA ARG A 207 12.22 40.20 3.73
C ARG A 207 12.99 39.20 4.63
N LEU A 208 14.14 38.74 4.11
CA LEU A 208 14.94 37.75 4.78
C LEU A 208 16.38 38.28 4.93
N THR A 209 16.61 38.98 6.03
CA THR A 209 17.95 39.33 6.53
C THR A 209 18.80 38.12 6.92
N MET A 210 20.10 38.29 7.07
CA MET A 210 20.92 37.10 7.46
C MET A 210 20.50 36.40 8.76
N SER A 211 20.21 37.22 9.78
CA SER A 211 19.76 36.65 11.02
C SER A 211 18.43 35.93 10.81
N ARG A 212 17.50 36.48 10.02
CA ARG A 212 16.23 35.81 9.76
C ARG A 212 16.44 34.52 8.98
N ALA A 213 17.35 34.48 8.00
CA ALA A 213 17.59 33.23 7.24
C ALA A 213 18.14 32.15 8.17
N ILE A 214 19.07 32.53 9.00
CA ILE A 214 19.60 31.62 10.00
C ILE A 214 18.47 31.12 10.96
N LYS A 215 17.55 31.97 11.45
CA LYS A 215 16.48 31.45 12.32
C LYS A 215 15.55 30.53 11.53
N LEU A 216 15.32 30.88 10.27
CA LEU A 216 14.37 30.15 9.51
C LEU A 216 14.81 28.70 9.45
N TYR A 217 16.11 28.41 9.34
CA TYR A 217 16.60 27.07 9.09
C TYR A 217 17.15 26.32 10.31
N ARG A 218 17.14 27.00 11.46
CA ARG A 218 17.63 26.45 12.69
C ARG A 218 16.86 25.14 13.03
N VAL A 219 17.53 24.09 13.43
CA VAL A 219 16.81 22.90 13.88
C VAL A 219 17.02 22.65 15.38
N GLU A 220 16.16 21.78 15.94
CA GLU A 220 16.30 21.36 17.32
C GLU A 220 17.19 20.16 17.30
N ASP A 221 18.24 20.19 18.09
CA ASP A 221 19.12 19.01 18.23
C ASP A 221 18.65 17.74 19.02
N THR A 222 17.44 17.31 18.69
CA THR A 222 16.75 16.22 19.36
C THR A 222 15.94 15.50 18.30
N LEU A 223 16.20 14.23 18.18
CA LEU A 223 15.54 13.34 17.25
C LEU A 223 14.10 13.03 17.66
N ASN A 224 13.22 13.08 16.69
CA ASN A 224 11.88 12.48 16.83
C ASN A 224 11.88 11.00 17.16
N ILE A 225 12.83 10.23 16.61
CA ILE A 225 12.92 8.79 16.85
C ILE A 225 14.18 8.64 17.67
N LYS A 226 14.03 8.71 18.99
CA LYS A 226 15.17 8.80 19.89
CA LYS A 226 15.16 8.79 19.91
C LYS A 226 16.26 7.74 19.73
N ASN A 227 15.87 6.53 19.32
CA ASN A 227 16.79 5.40 19.24
C ASN A 227 17.51 5.20 17.85
N MET A 228 17.38 6.14 16.93
N MET A 228 17.38 6.14 16.93
CA MET A 228 18.07 6.13 15.63
CA MET A 228 18.11 6.03 15.66
C MET A 228 19.59 6.06 15.82
C MET A 228 19.60 6.00 15.90
N ARG A 229 20.22 4.98 15.33
CA ARG A 229 21.65 4.73 15.55
C ARG A 229 22.28 4.25 14.29
N LEU A 230 23.61 4.39 14.21
CA LEU A 230 24.32 3.90 13.03
C LEU A 230 24.04 2.43 12.84
N MET A 231 23.83 1.96 11.60
CA MET A 231 23.54 0.61 11.27
C MET A 231 24.78 -0.18 11.53
N LYS A 232 24.61 -1.45 11.94
CA LYS A 232 25.71 -2.36 12.17
C LYS A 232 25.38 -3.61 11.37
N LYS A 233 26.39 -4.47 11.19
CA LYS A 233 26.27 -5.76 10.50
C LYS A 233 25.04 -6.53 10.98
N LYS A 234 24.76 -6.49 12.28
CA LYS A 234 23.67 -7.27 12.84
C LYS A 234 22.30 -6.88 12.25
N ASP A 235 22.24 -5.70 11.65
CA ASP A 235 20.95 -5.06 11.18
C ASP A 235 20.59 -5.37 9.67
N VAL A 236 21.48 -6.06 8.97
CA VAL A 236 21.34 -6.28 7.52
C VAL A 236 20.06 -7.02 7.17
N GLU A 237 19.78 -8.16 7.83
CA GLU A 237 18.51 -8.91 7.65
C GLU A 237 17.35 -7.96 7.87
N GLY A 238 17.41 -7.10 8.93
CA GLY A 238 16.27 -6.26 9.24
C GLY A 238 16.00 -5.20 8.19
N VAL A 239 17.09 -4.66 7.68
CA VAL A 239 17.06 -3.52 6.71
C VAL A 239 16.58 -4.16 5.38
N HIS A 240 17.11 -5.33 5.06
CA HIS A 240 16.74 -6.03 3.82
C HIS A 240 15.23 -6.17 3.77
N LYS A 241 14.67 -6.63 4.89
CA LYS A 241 13.21 -6.80 4.95
C LYS A 241 12.45 -5.50 4.92
N LEU A 242 12.87 -4.49 5.70
CA LEU A 242 12.13 -3.22 5.78
C LEU A 242 12.18 -2.53 4.43
N LEU A 243 13.40 -2.36 3.91
CA LEU A 243 13.55 -1.65 2.63
CA LEU A 243 13.58 -1.65 2.64
C LEU A 243 12.95 -2.49 1.51
N GLY A 244 13.21 -3.79 1.58
CA GLY A 244 12.78 -4.69 0.52
C GLY A 244 11.27 -4.60 0.36
N SER A 245 10.56 -4.66 1.48
CA SER A 245 9.08 -4.61 1.48
C SER A 245 8.54 -3.27 1.05
N TYR A 246 9.21 -2.19 1.44
CA TYR A 246 8.78 -0.87 1.03
C TYR A 246 8.92 -0.58 -0.46
N LEU A 247 10.00 -1.08 -1.03
CA LEU A 247 10.30 -0.70 -2.40
C LEU A 247 9.34 -1.37 -3.38
N GLU A 248 8.69 -2.46 -2.96
CA GLU A 248 7.79 -3.14 -3.89
C GLU A 248 6.69 -2.31 -4.49
N GLN A 249 6.32 -1.21 -3.88
CA GLN A 249 5.23 -0.44 -4.32
C GLN A 249 5.57 0.41 -5.57
N PHE A 250 6.84 0.66 -5.87
CA PHE A 250 7.15 1.61 -6.94
C PHE A 250 7.28 0.95 -8.28
N ASN A 251 7.25 1.82 -9.29
CA ASN A 251 7.35 1.37 -10.66
C ASN A 251 8.74 1.07 -11.16
N LEU A 252 9.75 1.39 -10.36
CA LEU A 252 11.18 1.25 -10.78
C LEU A 252 12.03 1.21 -9.51
N TYR A 253 12.70 0.09 -9.27
CA TYR A 253 13.48 -0.03 -8.08
C TYR A 253 14.40 -1.20 -8.20
N ALA A 254 15.43 -1.14 -7.37
CA ALA A 254 16.45 -2.18 -7.36
C ALA A 254 15.98 -3.29 -6.42
N VAL A 255 16.17 -4.53 -6.86
CA VAL A 255 15.89 -5.64 -6.01
C VAL A 255 17.21 -6.04 -5.31
N PHE A 256 17.37 -5.58 -4.08
CA PHE A 256 18.59 -5.85 -3.33
C PHE A 256 18.53 -7.23 -2.65
N THR A 257 19.61 -8.01 -2.85
CA THR A 257 19.99 -9.11 -1.97
C THR A 257 20.57 -8.62 -0.64
N LYS A 258 20.67 -9.53 0.34
CA LYS A 258 21.32 -9.24 1.64
C LYS A 258 22.72 -8.68 1.44
N GLU A 259 23.46 -9.37 0.58
CA GLU A 259 24.86 -8.96 0.31
C GLU A 259 24.90 -7.53 -0.23
N GLU A 260 23.93 -7.18 -1.09
CA GLU A 260 23.75 -5.83 -1.53
C GLU A 260 23.36 -4.79 -0.46
N ILE A 261 22.42 -5.23 0.40
CA ILE A 261 22.06 -4.36 1.51
C ILE A 261 23.29 -3.99 2.40
N ALA A 262 24.16 -4.97 2.70
CA ALA A 262 25.36 -4.77 3.53
C ALA A 262 26.27 -3.81 2.79
N HIS A 263 26.44 -4.02 1.48
CA HIS A 263 27.31 -3.12 0.78
C HIS A 263 26.82 -1.70 0.67
N TRP A 264 25.60 -1.65 0.21
CA TRP A 264 24.94 -0.35 0.09
C TRP A 264 24.62 0.49 1.30
N PHE A 265 24.52 -0.12 2.47
CA PHE A 265 24.08 0.64 3.63
C PHE A 265 24.98 0.62 4.87
N LEU A 266 25.85 -0.37 5.00
CA LEU A 266 26.68 -0.28 6.16
C LEU A 266 27.55 0.98 6.15
N PRO A 267 27.59 1.68 7.28
CA PRO A 267 28.18 3.01 7.17
C PRO A 267 29.66 3.05 6.88
N ILE A 268 30.06 3.99 6.05
CA ILE A 268 31.51 4.33 5.88
C ILE A 268 31.70 5.80 6.01
N GLU A 269 32.61 6.20 6.91
CA GLU A 269 32.80 7.65 7.16
C GLU A 269 33.01 8.41 5.87
N ASN A 270 32.27 9.49 5.74
CA ASN A 270 32.38 10.41 4.60
C ASN A 270 32.00 9.81 3.30
N VAL A 271 31.21 8.71 3.33
CA VAL A 271 30.71 8.21 2.09
C VAL A 271 29.24 7.84 2.29
N ILE A 272 28.88 6.98 3.25
CA ILE A 272 27.48 6.49 3.36
CA ILE A 272 27.48 6.50 3.35
C ILE A 272 27.07 6.37 4.83
N TYR A 273 25.95 6.96 5.15
CA TYR A 273 25.45 7.04 6.53
C TYR A 273 24.10 6.34 6.53
N THR A 274 23.93 5.26 7.31
CA THR A 274 22.62 4.64 7.51
C THR A 274 22.34 4.53 9.01
N TYR A 275 21.15 4.97 9.37
CA TYR A 275 20.67 4.93 10.75
C TYR A 275 19.43 4.04 10.85
N VAL A 276 19.32 3.35 11.97
CA VAL A 276 18.18 2.36 12.11
C VAL A 276 17.51 2.55 13.46
N ASN A 277 16.24 2.16 13.52
CA ASN A 277 15.51 2.14 14.79
C ASN A 277 15.05 0.71 14.99
N GLU A 278 15.64 0.07 16.02
CA GLU A 278 15.36 -1.34 16.34
C GLU A 278 14.40 -1.34 17.54
N GLU A 279 13.36 -2.14 17.46
CA GLU A 279 12.41 -2.29 18.55
C GLU A 279 12.06 -3.75 18.58
N ASN A 280 12.37 -4.42 19.70
CA ASN A 280 12.24 -5.86 19.80
C ASN A 280 13.13 -6.61 18.80
N GLY A 281 14.34 -6.09 18.53
CA GLY A 281 15.22 -6.77 17.58
C GLY A 281 14.73 -6.76 16.13
N LYS A 282 13.67 -5.99 15.87
CA LYS A 282 13.15 -5.77 14.50
C LYS A 282 13.52 -4.33 14.03
N ILE A 283 13.95 -4.18 12.76
CA ILE A 283 14.38 -2.91 12.32
C ILE A 283 13.10 -2.21 11.74
N LYS A 284 12.71 -1.08 12.32
CA LYS A 284 11.35 -0.53 12.12
C LYS A 284 11.37 0.74 11.31
N ASP A 285 12.51 1.42 11.34
CA ASP A 285 12.71 2.69 10.62
CA ASP A 285 12.71 2.57 10.45
C ASP A 285 14.18 2.75 10.21
N MET A 286 14.43 3.47 9.13
CA MET A 286 15.75 3.76 8.61
C MET A 286 15.80 5.06 7.80
N ILE A 287 17.00 5.61 7.88
CA ILE A 287 17.40 6.80 7.21
C ILE A 287 18.74 6.54 6.56
N SER A 288 19.00 7.03 5.33
CA SER A 288 20.35 6.91 4.77
C SER A 288 20.57 8.05 3.86
N PHE A 289 21.81 8.52 3.90
CA PHE A 289 22.25 9.56 2.95
C PHE A 289 23.70 9.26 2.62
N TYR A 290 24.13 9.73 1.45
CA TYR A 290 25.56 9.68 1.03
C TYR A 290 26.21 11.07 0.90
N SER A 291 27.53 11.13 0.98
CA SER A 291 28.28 12.33 0.97
C SER A 291 28.76 12.55 -0.46
N LEU A 292 28.40 13.67 -1.02
CA LEU A 292 28.87 14.09 -2.35
C LEU A 292 29.19 15.56 -2.22
N PRO A 293 30.48 15.86 -2.02
CA PRO A 293 30.88 17.27 -1.90
C PRO A 293 30.91 17.94 -3.31
N SER A 294 30.62 19.23 -3.37
CA SER A 294 30.87 20.07 -4.56
C SER A 294 32.16 20.91 -4.35
N GLN A 295 33.04 20.86 -5.32
CA GLN A 295 34.09 21.84 -5.33
C GLN A 295 33.52 23.15 -5.71
N ILE A 296 33.86 24.16 -4.92
CA ILE A 296 33.52 25.58 -5.19
C ILE A 296 34.63 26.17 -6.03
N LEU A 297 34.18 26.60 -7.21
CA LEU A 297 35.09 27.17 -8.19
C LEU A 297 35.21 28.65 -7.85
N GLY A 298 36.44 29.07 -7.56
CA GLY A 298 36.82 30.52 -7.48
C GLY A 298 36.23 31.34 -6.35
N ASN A 299 35.75 30.67 -5.30
CA ASN A 299 35.39 31.33 -4.02
C ASN A 299 36.63 31.42 -3.10
N ASP A 300 37.05 32.66 -2.80
CA ASP A 300 38.20 32.94 -1.92
C ASP A 300 38.20 32.26 -0.53
N LYS A 301 37.01 31.97 0.01
CA LYS A 301 36.87 31.54 1.40
C LYS A 301 36.66 30.05 1.55
N TYR A 302 35.89 29.48 0.64
CA TYR A 302 35.55 28.08 0.72
C TYR A 302 35.94 27.43 -0.58
N SER A 303 36.49 26.25 -0.43
CA SER A 303 36.78 25.43 -1.59
C SER A 303 35.89 24.22 -1.72
N THR A 304 35.21 23.85 -0.64
CA THR A 304 34.30 22.65 -0.63
C THR A 304 32.92 22.95 -0.01
N LEU A 305 31.87 22.51 -0.72
CA LEU A 305 30.51 22.42 -0.16
C LEU A 305 30.34 21.02 0.33
N ASN A 306 30.01 20.85 1.61
CA ASN A 306 29.80 19.54 2.23
C ASN A 306 28.32 19.26 2.13
N ALA A 307 27.99 18.26 1.33
CA ALA A 307 26.62 18.00 1.03
C ALA A 307 26.19 16.56 1.27
N ALA A 308 24.98 16.41 1.79
CA ALA A 308 24.40 15.08 2.06
C ALA A 308 23.26 14.89 1.07
N TYR A 309 23.29 13.77 0.35
CA TYR A 309 22.21 13.38 -0.54
C TYR A 309 21.34 12.28 0.04
N SER A 310 20.03 12.50 0.11
CA SER A 310 19.02 11.51 0.54
C SER A 310 19.11 10.25 -0.28
N PHE A 311 19.14 9.07 0.38
CA PHE A 311 19.37 7.79 -0.26
C PHE A 311 18.05 6.98 -0.15
N TYR A 312 17.93 6.12 0.85
CA TYR A 312 16.65 5.43 1.14
C TYR A 312 16.15 5.60 2.57
N ASN A 313 14.89 6.03 2.72
CA ASN A 313 14.38 6.46 4.05
C ASN A 313 13.05 5.69 4.18
N VAL A 314 12.84 4.89 5.25
CA VAL A 314 11.54 4.19 5.49
C VAL A 314 11.10 4.38 6.95
N THR A 315 9.85 4.71 7.18
CA THR A 315 9.34 4.80 8.57
C THR A 315 8.11 3.91 8.77
N THR A 316 8.09 3.17 9.86
CA THR A 316 6.84 2.47 10.27
C THR A 316 6.35 3.01 11.60
N THR A 317 7.16 3.85 12.26
CA THR A 317 6.79 4.26 13.66
C THR A 317 6.51 5.73 13.78
N ALA A 318 6.73 6.46 12.69
CA ALA A 318 6.57 7.92 12.73
C ALA A 318 5.95 8.37 11.40
N THR A 319 5.73 9.66 11.26
CA THR A 319 5.29 10.22 9.98
C THR A 319 6.53 10.34 9.10
N PHE A 320 6.35 10.35 7.77
CA PHE A 320 7.51 10.50 6.91
C PHE A 320 8.21 11.84 7.18
N LYS A 321 7.43 12.87 7.49
CA LYS A 321 7.91 14.17 7.83
C LYS A 321 8.83 14.13 9.05
N GLN A 322 8.43 13.40 10.09
CA GLN A 322 9.27 13.25 11.24
C GLN A 322 10.58 12.50 10.86
N LEU A 323 10.50 11.43 10.07
CA LEU A 323 11.64 10.68 9.61
C LEU A 323 12.64 11.63 8.94
N MET A 324 12.11 12.46 8.06
CA MET A 324 12.98 13.23 7.20
C MET A 324 13.50 14.47 7.93
N GLN A 325 12.74 14.94 8.93
CA GLN A 325 13.34 15.83 9.88
C GLN A 325 14.50 15.23 10.62
N ASP A 326 14.37 13.99 11.08
CA ASP A 326 15.53 13.39 11.72
C ASP A 326 16.71 13.24 10.79
N ALA A 327 16.40 12.98 9.50
CA ALA A 327 17.46 12.79 8.53
C ALA A 327 18.21 14.14 8.29
N ILE A 328 17.47 15.24 8.29
CA ILE A 328 18.12 16.58 8.26
C ILE A 328 19.02 16.78 9.46
N LEU A 329 18.50 16.33 10.61
CA LEU A 329 19.28 16.51 11.86
C LEU A 329 20.51 15.65 11.91
N LEU A 330 20.43 14.37 11.44
CA LEU A 330 21.61 13.50 11.41
C LEU A 330 22.67 14.03 10.43
N ALA A 331 22.20 14.64 9.37
CA ALA A 331 23.07 15.25 8.41
C ALA A 331 23.80 16.44 9.04
N LYS A 332 23.08 17.20 9.83
CA LYS A 332 23.67 18.36 10.44
C LYS A 332 24.72 17.92 11.47
N ARG A 333 24.39 16.86 12.22
CA ARG A 333 25.27 16.28 13.23
C ARG A 333 26.61 15.81 12.65
N ASN A 334 26.60 15.47 11.34
CA ASN A 334 27.79 15.01 10.59
C ASN A 334 28.39 16.13 9.70
N ASN A 335 28.07 17.38 10.02
N ASN A 335 28.10 17.37 10.04
CA ASN A 335 28.81 18.55 9.52
CA ASN A 335 28.85 18.49 9.51
C ASN A 335 28.41 18.99 8.11
C ASN A 335 28.54 18.79 8.02
N PHE A 336 27.35 18.41 7.56
CA PHE A 336 26.93 18.78 6.19
C PHE A 336 26.31 20.18 6.20
N ASP A 337 26.54 20.94 5.10
CA ASP A 337 26.05 22.26 4.89
C ASP A 337 24.59 22.24 4.35
N VAL A 338 24.19 21.14 3.67
CA VAL A 338 22.99 21.09 2.93
C VAL A 338 22.55 19.63 2.77
N PHE A 339 21.24 19.41 2.74
CA PHE A 339 20.61 18.11 2.58
C PHE A 339 19.79 18.20 1.30
N ASN A 340 20.21 17.42 0.27
CA ASN A 340 19.58 17.41 -1.06
C ASN A 340 18.72 16.15 -1.23
N ALA A 341 17.62 16.33 -1.96
CA ALA A 341 16.85 15.16 -2.34
C ALA A 341 16.20 15.31 -3.72
N LEU A 342 15.74 14.22 -4.30
CA LEU A 342 14.93 14.32 -5.50
C LEU A 342 13.43 14.12 -5.18
N GLU A 343 12.53 14.53 -6.08
CA GLU A 343 11.08 14.32 -5.86
C GLU A 343 10.64 12.87 -6.16
N VAL A 344 11.44 11.92 -5.66
CA VAL A 344 11.14 10.50 -5.84
C VAL A 344 10.53 9.95 -4.61
N MET A 345 9.99 8.74 -4.74
CA MET A 345 9.28 8.08 -3.64
C MET A 345 8.27 9.02 -2.96
N GLN A 346 8.33 9.10 -1.61
CA GLN A 346 7.41 10.08 -0.93
C GLN A 346 8.04 11.44 -0.62
N ASN A 347 9.22 11.68 -1.15
CA ASN A 347 9.95 12.91 -0.77
C ASN A 347 9.28 14.20 -0.97
N LYS A 348 8.59 14.34 -2.10
CA LYS A 348 8.04 15.67 -2.43
C LYS A 348 7.08 16.15 -1.37
N SER A 349 6.30 15.21 -0.80
CA SER A 349 5.32 15.50 0.27
C SER A 349 5.85 16.30 1.43
N VAL A 350 7.13 16.19 1.74
CA VAL A 350 7.66 16.88 2.94
C VAL A 350 8.49 18.16 2.62
N PHE A 351 8.65 18.44 1.35
CA PHE A 351 9.65 19.46 0.98
C PHE A 351 9.27 20.87 1.51
N GLU A 352 7.98 21.18 1.43
CA GLU A 352 7.54 22.49 1.88
CA GLU A 352 7.45 22.46 1.88
C GLU A 352 7.61 22.65 3.37
N ASP A 353 7.03 21.71 4.08
CA ASP A 353 7.02 21.81 5.52
C ASP A 353 8.42 21.78 6.10
N LEU A 354 9.36 21.04 5.49
CA LEU A 354 10.75 20.95 6.04
C LEU A 354 11.70 22.00 5.45
N LYS A 355 11.12 22.93 4.69
CA LYS A 355 11.78 24.11 4.14
C LYS A 355 12.81 23.76 3.08
N PHE A 356 12.49 22.83 2.21
CA PHE A 356 13.41 22.52 1.09
C PHE A 356 13.22 23.71 0.09
N GLY A 357 14.28 24.17 -0.57
CA GLY A 357 14.03 25.01 -1.74
C GLY A 357 14.03 24.22 -3.03
N GLU A 358 13.17 24.58 -4.01
CA GLU A 358 13.37 24.00 -5.32
C GLU A 358 14.73 24.40 -5.95
N GLY A 359 15.37 23.43 -6.61
CA GLY A 359 16.62 23.71 -7.32
C GLY A 359 16.42 24.24 -8.73
N ASP A 360 17.45 24.05 -9.54
CA ASP A 360 17.50 24.74 -10.83
C ASP A 360 17.29 23.87 -12.04
N GLY A 361 17.07 22.58 -11.82
CA GLY A 361 16.97 21.69 -12.95
C GLY A 361 16.53 20.38 -12.48
N SER A 362 16.61 19.37 -13.32
CA SER A 362 16.02 18.11 -12.95
C SER A 362 16.94 17.00 -13.37
N LEU A 363 16.67 15.84 -12.82
CA LEU A 363 17.39 14.68 -13.12
C LEU A 363 16.49 13.73 -13.90
N LYS A 364 16.93 13.37 -15.09
CA LYS A 364 16.23 12.40 -15.87
C LYS A 364 16.67 10.94 -15.62
N TYR A 365 15.68 10.03 -15.55
CA TYR A 365 15.92 8.58 -15.48
C TYR A 365 15.73 7.91 -16.86
N TYR A 366 16.65 7.06 -17.25
CA TYR A 366 16.71 6.37 -18.55
C TYR A 366 16.93 4.89 -18.40
N LEU A 367 16.31 4.13 -19.29
CA LEU A 367 16.62 2.76 -19.51
C LEU A 367 17.12 2.67 -20.95
N TYR A 368 17.94 1.69 -21.18
CA TYR A 368 18.61 1.43 -22.48
C TYR A 368 18.03 0.11 -22.90
N ASN A 369 17.51 0.04 -24.15
CA ASN A 369 16.82 -1.25 -24.62
C ASN A 369 15.64 -1.71 -23.77
N TRP A 370 14.82 -0.74 -23.40
CA TRP A 370 13.56 -1.05 -22.77
C TRP A 370 12.54 -0.06 -23.18
N LYS A 371 11.38 -0.60 -23.51
CA LYS A 371 10.14 0.12 -23.89
C LYS A 371 9.10 0.07 -22.77
N CYS A 372 8.62 1.22 -22.28
CA CYS A 372 7.52 1.18 -21.27
C CYS A 372 6.90 2.56 -21.14
N ALA A 373 5.78 2.66 -20.43
CA ALA A 373 5.14 3.95 -20.18
C ALA A 373 6.06 4.80 -19.29
N SER A 374 6.17 6.06 -19.61
CA SER A 374 6.82 6.95 -18.64
C SER A 374 5.87 7.24 -17.47
N PHE A 375 6.41 7.84 -16.40
CA PHE A 375 5.65 7.91 -15.13
C PHE A 375 6.15 9.12 -14.30
N ALA A 376 5.31 9.69 -13.43
CA ALA A 376 5.72 10.73 -12.50
C ALA A 376 6.74 10.21 -11.47
N PRO A 377 7.59 11.12 -10.97
CA PRO A 377 8.72 10.66 -10.19
C PRO A 377 8.38 10.03 -8.86
N ALA A 378 7.18 10.27 -8.41
CA ALA A 378 6.75 9.72 -7.12
C ALA A 378 6.63 8.17 -7.24
N HIS A 379 6.63 7.68 -8.48
CA HIS A 379 6.59 6.22 -8.83
C HIS A 379 8.00 5.70 -9.02
N VAL A 380 9.00 6.58 -8.96
CA VAL A 380 10.42 6.15 -8.99
C VAL A 380 10.83 5.71 -7.59
N GLY A 381 11.34 4.48 -7.45
CA GLY A 381 11.88 4.02 -6.15
C GLY A 381 13.33 3.65 -6.18
N ILE A 382 14.12 4.25 -7.08
CA ILE A 382 15.56 3.95 -7.09
C ILE A 382 16.28 5.28 -7.11
N VAL A 383 17.36 5.35 -6.36
CA VAL A 383 18.29 6.52 -6.31
C VAL A 383 19.67 6.09 -6.75
N LEU A 384 20.12 6.66 -7.84
CA LEU A 384 21.47 6.44 -8.35
C LEU A 384 22.40 7.45 -7.71
N LEU A 385 23.71 7.31 -7.89
CA LEU A 385 24.66 8.05 -7.06
C LEU A 385 25.14 9.27 -7.76
N MET B 1 -5.80 33.16 13.69
CA MET B 1 -7.20 32.65 13.71
C MET B 1 -7.32 31.43 14.65
N ASP B 2 -8.28 31.48 15.58
CA ASP B 2 -8.30 30.52 16.67
C ASP B 2 -9.28 29.38 16.45
N TYR B 3 -10.07 29.49 15.38
CA TYR B 3 -11.08 28.48 15.05
C TYR B 3 -11.88 28.10 16.29
N LYS B 4 -12.68 29.06 16.75
CA LYS B 4 -13.43 28.91 17.97
C LYS B 4 -14.55 27.89 17.81
N PHE B 5 -15.13 27.81 16.60
CA PHE B 5 -16.08 26.74 16.26
C PHE B 5 -15.41 25.40 16.01
N TRP B 6 -14.39 25.35 15.17
CA TRP B 6 -13.84 24.07 14.75
C TRP B 6 -13.19 23.31 15.85
N TYR B 7 -12.57 24.06 16.78
CA TYR B 7 -11.88 23.46 17.91
C TYR B 7 -12.80 22.72 18.86
N THR B 8 -14.10 22.97 18.78
CA THR B 8 -15.14 22.18 19.52
C THR B 8 -15.61 20.88 18.88
N GLN B 9 -15.15 20.65 17.65
CA GLN B 9 -15.58 19.58 16.79
C GLN B 9 -14.50 18.52 16.76
N PRO B 10 -14.93 17.26 16.46
CA PRO B 10 -14.01 16.09 16.31
C PRO B 10 -13.28 16.16 14.98
N VAL B 11 -12.40 17.13 14.84
CA VAL B 11 -11.54 17.22 13.71
C VAL B 11 -10.15 17.42 14.31
N PRO B 12 -9.11 17.27 13.48
CA PRO B 12 -7.70 17.53 13.93
C PRO B 12 -7.50 18.97 14.41
N LYS B 13 -6.61 19.16 15.37
CA LYS B 13 -6.16 20.50 15.78
C LYS B 13 -5.21 20.93 14.70
N ILE B 14 -4.82 22.19 14.71
CA ILE B 14 -4.00 22.71 13.61
C ILE B 14 -2.69 21.92 13.59
N ASN B 15 -2.28 21.40 14.74
CA ASN B 15 -0.94 20.81 14.88
C ASN B 15 -0.86 19.32 14.87
N ASP B 16 -2.02 18.71 14.66
CA ASP B 16 -2.15 17.28 14.71
C ASP B 16 -1.55 16.67 13.46
N GLU B 17 -0.74 15.62 13.65
CA GLU B 17 -0.11 14.87 12.54
C GLU B 17 -0.08 13.42 12.93
N PHE B 18 -0.44 12.56 12.02
CA PHE B 18 -0.71 11.16 12.42
C PHE B 18 0.02 10.19 11.55
N ASN B 19 0.57 9.12 12.12
CA ASN B 19 1.17 8.03 11.31
CA ASN B 19 1.17 8.17 11.18
C ASN B 19 0.23 7.35 10.31
N GLU B 20 0.85 6.80 9.28
CA GLU B 20 0.18 6.03 8.25
C GLU B 20 -0.81 5.11 8.91
N SER B 21 -0.37 4.38 9.95
CA SER B 21 -1.13 3.30 10.55
C SER B 21 -2.39 3.76 11.30
N VAL B 22 -2.45 5.03 11.69
CA VAL B 22 -3.63 5.56 12.42
C VAL B 22 -4.68 5.87 11.39
N ASN B 23 -5.84 5.31 11.67
CA ASN B 23 -6.95 5.40 10.78
C ASN B 23 -8.18 4.97 11.47
N GLU B 24 -8.86 5.94 12.04
CA GLU B 24 -9.98 5.61 12.92
C GLU B 24 -10.67 6.90 13.36
N PRO B 25 -11.84 6.73 14.01
CA PRO B 25 -12.60 7.96 14.35
C PRO B 25 -11.92 8.75 15.46
N PHE B 26 -12.18 10.06 15.56
CA PHE B 26 -11.82 10.73 16.87
C PHE B 26 -12.71 10.24 18.03
N ILE B 27 -14.03 10.10 17.77
CA ILE B 27 -15.01 9.58 18.72
C ILE B 27 -15.75 8.27 18.22
N SER B 28 -15.64 7.12 18.94
CA SER B 28 -16.33 5.89 18.56
CA SER B 28 -16.34 5.90 18.53
C SER B 28 -17.48 5.61 19.53
N ASP B 29 -18.10 4.43 19.39
CA ASP B 29 -19.22 3.99 20.23
C ASP B 29 -20.35 5.03 20.29
N ASN B 30 -20.63 5.65 19.15
CA ASN B 30 -21.62 6.68 19.05
C ASN B 30 -22.99 6.04 19.08
N LYS B 31 -24.01 6.73 19.56
CA LYS B 31 -25.32 6.02 19.79
C LYS B 31 -26.44 6.88 19.24
N VAL B 32 -27.20 6.34 18.29
CA VAL B 32 -28.31 7.12 17.72
C VAL B 32 -29.27 7.65 18.78
N GLU B 33 -29.53 6.81 19.77
CA GLU B 33 -30.44 7.09 20.86
C GLU B 33 -30.10 8.36 21.63
N ASP B 34 -28.81 8.72 21.63
CA ASP B 34 -28.30 9.82 22.43
C ASP B 34 -28.23 11.12 21.63
N VAL B 35 -28.41 11.05 20.31
CA VAL B 35 -28.32 12.28 19.46
C VAL B 35 -29.48 13.25 19.85
N ARG B 36 -29.16 14.51 19.90
CA ARG B 36 -30.17 15.52 20.15
C ARG B 36 -31.36 15.39 19.18
N LYS B 37 -32.55 15.46 19.71
CA LYS B 37 -33.74 15.28 18.93
C LYS B 37 -34.41 16.56 18.57
N ASP B 38 -33.85 17.68 19.02
CA ASP B 38 -34.33 19.06 18.81
C ASP B 38 -33.46 19.69 17.78
N GLU B 39 -34.04 20.37 16.85
CA GLU B 39 -33.35 21.27 15.95
C GLU B 39 -32.60 22.37 16.67
N TYR B 40 -31.46 22.74 16.16
CA TYR B 40 -30.66 23.82 16.72
C TYR B 40 -31.40 25.14 16.59
N LYS B 41 -31.24 25.97 17.61
CA LYS B 41 -31.80 27.27 17.61
C LYS B 41 -31.23 28.29 16.61
N LEU B 42 -32.14 29.04 16.01
CA LEU B 42 -31.76 30.08 15.08
C LEU B 42 -32.09 31.45 15.73
N PRO B 43 -31.44 32.53 15.26
CA PRO B 43 -31.82 33.85 15.78
C PRO B 43 -33.30 34.12 15.52
N PRO B 44 -33.84 35.12 16.21
CA PRO B 44 -35.25 35.45 16.03
C PRO B 44 -35.54 35.83 14.58
N GLY B 45 -36.58 35.23 14.02
CA GLY B 45 -36.97 35.66 12.70
C GLY B 45 -36.65 34.65 11.62
N TYR B 46 -35.80 33.69 11.97
CA TYR B 46 -35.35 32.62 11.06
C TYR B 46 -35.93 31.28 11.40
N SER B 47 -36.11 30.46 10.37
CA SER B 47 -36.64 29.12 10.51
C SER B 47 -35.88 28.11 9.67
N TRP B 48 -35.78 26.90 10.19
CA TRP B 48 -35.46 25.77 9.34
C TRP B 48 -36.52 25.53 8.33
N TYR B 49 -36.05 25.13 7.15
CA TYR B 49 -36.91 24.84 6.03
C TYR B 49 -36.53 23.50 5.37
N VAL B 50 -37.54 22.75 5.02
CA VAL B 50 -37.30 21.43 4.42
C VAL B 50 -37.32 21.64 2.93
N CYS B 51 -36.15 21.70 2.30
CA CYS B 51 -36.06 21.87 0.84
C CYS B 51 -36.36 20.54 0.17
N ASP B 52 -37.39 20.57 -0.67
CA ASP B 52 -37.70 19.43 -1.51
C ASP B 52 -36.99 19.67 -2.84
N VAL B 53 -35.89 18.97 -3.13
CA VAL B 53 -35.09 19.25 -4.35
C VAL B 53 -35.78 18.86 -5.63
N LYS B 54 -36.68 17.90 -5.49
CA LYS B 54 -37.50 17.49 -6.60
C LYS B 54 -38.71 18.42 -6.83
N ASP B 55 -39.01 19.33 -5.90
CA ASP B 55 -39.97 20.44 -6.13
C ASP B 55 -39.44 21.66 -6.91
N GLU B 56 -40.09 22.03 -8.02
CA GLU B 56 -39.51 23.06 -8.87
C GLU B 56 -39.31 24.38 -8.11
N LYS B 57 -40.32 24.77 -7.33
CA LYS B 57 -40.27 26.04 -6.61
CA LYS B 57 -40.30 26.02 -6.58
C LYS B 57 -39.14 26.06 -5.57
N ASP B 58 -39.05 25.01 -4.73
CA ASP B 58 -37.96 24.82 -3.71
C ASP B 58 -36.59 24.75 -4.40
N ARG B 59 -36.51 24.08 -5.54
CA ARG B 59 -35.23 23.96 -6.24
C ARG B 59 -34.80 25.27 -6.80
N SER B 60 -35.80 25.99 -7.32
CA SER B 60 -35.56 27.34 -7.77
C SER B 60 -35.09 28.26 -6.68
N GLU B 61 -35.50 28.02 -5.42
CA GLU B 61 -35.16 28.99 -4.36
C GLU B 61 -33.70 28.74 -4.01
N ILE B 62 -33.32 27.47 -4.08
CA ILE B 62 -31.90 27.07 -3.78
C ILE B 62 -31.02 27.64 -4.89
N TYR B 63 -31.49 27.44 -6.13
CA TYR B 63 -30.78 28.01 -7.30
C TYR B 63 -30.49 29.58 -7.15
N THR B 64 -31.51 30.32 -6.69
CA THR B 64 -31.37 31.74 -6.59
C THR B 64 -30.37 32.10 -5.51
N LEU B 65 -30.52 31.46 -4.33
CA LEU B 65 -29.51 31.72 -3.23
C LEU B 65 -28.11 31.50 -3.69
N LEU B 66 -27.88 30.37 -4.35
CA LEU B 66 -26.53 30.05 -4.68
C LEU B 66 -26.05 30.94 -5.81
N THR B 67 -26.92 31.18 -6.78
CA THR B 67 -26.59 32.11 -7.87
C THR B 67 -26.12 33.47 -7.38
N ASP B 68 -26.81 33.94 -6.36
CA ASP B 68 -26.54 35.24 -5.79
C ASP B 68 -25.43 35.27 -4.74
N ASN B 69 -25.21 34.14 -4.04
CA ASN B 69 -24.51 34.15 -2.80
C ASN B 69 -23.41 33.12 -2.64
N TYR B 70 -23.23 32.23 -3.64
CA TYR B 70 -22.22 31.17 -3.54
C TYR B 70 -20.75 31.62 -3.82
N VAL B 71 -19.87 30.61 -4.04
CA VAL B 71 -18.43 30.80 -4.08
C VAL B 71 -18.00 31.74 -5.17
N GLU B 72 -17.08 32.66 -4.85
CA GLU B 72 -16.52 33.56 -5.83
C GLU B 72 -15.04 33.33 -5.88
N ASP B 73 -14.38 33.70 -6.96
CA ASP B 73 -12.97 33.57 -6.99
C ASP B 73 -12.38 34.66 -6.08
N ASP B 74 -11.11 34.48 -5.73
CA ASP B 74 -10.38 35.42 -4.86
C ASP B 74 -10.62 36.87 -5.26
N ASP B 75 -10.59 37.12 -6.55
CA ASP B 75 -10.69 38.49 -7.04
C ASP B 75 -12.12 39.00 -7.35
N ASN B 76 -13.14 38.24 -6.92
CA ASN B 76 -14.58 38.59 -7.06
C ASN B 76 -15.13 38.93 -8.46
N ILE B 77 -14.51 38.42 -9.52
CA ILE B 77 -14.97 38.71 -10.92
C ILE B 77 -16.00 37.62 -11.32
N PHE B 78 -15.91 36.49 -10.64
CA PHE B 78 -16.70 35.30 -10.94
C PHE B 78 -17.38 34.68 -9.74
N ARG B 79 -18.48 34.01 -10.02
CA ARG B 79 -19.26 33.30 -9.00
C ARG B 79 -19.79 32.00 -9.57
N PHE B 80 -19.45 30.89 -8.93
CA PHE B 80 -20.08 29.60 -9.31
C PHE B 80 -21.60 29.73 -9.53
N ASN B 81 -22.04 29.14 -10.63
CA ASN B 81 -23.41 29.28 -11.03
C ASN B 81 -24.00 27.90 -11.37
N TYR B 82 -23.92 27.01 -10.37
CA TYR B 82 -24.58 25.67 -10.54
C TYR B 82 -26.02 25.75 -11.10
N SER B 83 -26.32 24.99 -12.13
CA SER B 83 -27.76 24.96 -12.64
C SER B 83 -28.77 24.28 -11.69
N ALA B 84 -30.01 24.67 -11.79
CA ALA B 84 -31.06 24.04 -11.06
C ALA B 84 -31.09 22.56 -11.43
N GLU B 85 -30.84 22.22 -12.72
CA GLU B 85 -30.73 20.82 -13.19
C GLU B 85 -29.51 20.08 -12.58
N PHE B 86 -28.42 20.81 -12.45
CA PHE B 86 -27.24 20.23 -11.80
C PHE B 86 -27.58 19.92 -10.31
N LEU B 87 -28.17 20.89 -9.61
CA LEU B 87 -28.58 20.72 -8.25
C LEU B 87 -29.41 19.47 -8.06
N LEU B 88 -30.41 19.27 -8.90
CA LEU B 88 -31.24 18.05 -8.84
C LEU B 88 -30.35 16.79 -8.89
N TRP B 89 -29.45 16.73 -9.86
CA TRP B 89 -28.59 15.56 -9.99
C TRP B 89 -27.69 15.34 -8.81
N ALA B 90 -27.08 16.42 -8.31
CA ALA B 90 -26.12 16.32 -7.24
C ALA B 90 -26.72 15.85 -5.91
N LEU B 91 -28.01 16.11 -5.71
CA LEU B 91 -28.58 15.97 -4.42
C LEU B 91 -29.53 14.76 -4.35
N THR B 92 -29.79 14.06 -5.47
CA THR B 92 -30.88 13.02 -5.46
C THR B 92 -30.32 11.69 -5.87
N SER B 93 -29.06 11.51 -5.52
CA SER B 93 -28.33 10.27 -5.74
C SER B 93 -28.92 9.12 -4.95
N PRO B 94 -28.46 7.87 -5.20
CA PRO B 94 -29.13 6.70 -4.59
C PRO B 94 -29.17 6.83 -3.07
N ASN B 95 -30.35 6.48 -2.50
CA ASN B 95 -30.57 6.49 -1.07
C ASN B 95 -30.40 7.85 -0.35
N TYR B 96 -30.44 8.94 -1.12
CA TYR B 96 -30.38 10.27 -0.54
C TYR B 96 -31.49 10.50 0.52
N LEU B 97 -31.11 11.28 1.53
CA LEU B 97 -32.01 11.68 2.64
C LEU B 97 -32.60 13.05 2.36
N LYS B 98 -33.94 13.10 2.36
CA LYS B 98 -34.65 14.36 2.22
C LYS B 98 -34.35 15.26 3.41
N THR B 99 -34.09 14.64 4.58
CA THR B 99 -33.70 15.42 5.76
C THR B 99 -32.42 16.18 5.67
N TRP B 100 -31.59 15.80 4.70
CA TRP B 100 -30.23 16.38 4.61
C TRP B 100 -30.15 17.51 3.58
N HIS B 101 -31.29 18.06 3.16
CA HIS B 101 -31.29 19.21 2.23
C HIS B 101 -31.91 20.34 3.03
N ILE B 102 -31.06 21.23 3.58
CA ILE B 102 -31.56 22.11 4.67
C ILE B 102 -31.49 23.55 4.30
N GLY B 103 -32.67 24.18 4.41
CA GLY B 103 -32.85 25.59 4.15
C GLY B 103 -33.06 26.36 5.44
N VAL B 104 -32.74 27.63 5.34
CA VAL B 104 -33.08 28.59 6.36
C VAL B 104 -33.77 29.81 5.72
N LYS B 105 -35.00 30.06 6.16
CA LYS B 105 -35.69 31.25 5.64
C LYS B 105 -35.75 32.36 6.65
N TYR B 106 -35.82 33.60 6.18
CA TYR B 106 -36.15 34.69 7.07
C TYR B 106 -37.68 34.84 6.91
N ASP B 107 -38.36 34.80 8.05
CA ASP B 107 -39.80 34.53 8.09
C ASP B 107 -40.64 35.64 7.44
N ALA B 108 -40.21 36.88 7.64
CA ALA B 108 -41.06 38.02 7.31
C ALA B 108 -41.26 38.11 5.79
N SER B 109 -40.15 37.90 5.07
CA SER B 109 -40.11 37.90 3.59
C SER B 109 -40.32 36.51 2.97
N ASN B 110 -40.17 35.46 3.75
CA ASN B 110 -40.26 34.13 3.19
C ASN B 110 -39.13 33.88 2.15
N LYS B 111 -37.97 34.54 2.32
CA LYS B 111 -36.86 34.33 1.39
C LYS B 111 -35.88 33.25 1.95
N LEU B 112 -35.30 32.48 1.08
CA LEU B 112 -34.26 31.54 1.51
C LEU B 112 -32.93 32.32 1.71
N ILE B 113 -32.31 32.26 2.91
CA ILE B 113 -31.07 32.99 3.14
C ILE B 113 -29.87 32.06 3.53
N GLY B 114 -30.19 30.80 3.71
CA GLY B 114 -29.20 29.83 3.96
C GLY B 114 -29.57 28.45 3.45
N PHE B 115 -28.53 27.64 3.23
CA PHE B 115 -28.64 26.27 2.74
C PHE B 115 -27.41 25.46 3.15
N ILE B 116 -27.65 24.16 3.33
CA ILE B 116 -26.53 23.18 3.48
C ILE B 116 -27.13 21.85 3.02
N SER B 117 -26.30 21.03 2.37
CA SER B 117 -26.74 19.70 1.93
C SER B 117 -25.68 18.62 2.20
N ALA B 118 -26.13 17.38 2.14
CA ALA B 118 -25.29 16.19 2.10
C ALA B 118 -25.98 15.05 1.44
N ILE B 119 -25.18 14.08 0.97
CA ILE B 119 -25.66 12.90 0.35
C ILE B 119 -24.80 11.74 0.91
N PRO B 120 -25.42 10.53 0.98
CA PRO B 120 -24.61 9.46 1.59
C PRO B 120 -23.73 8.75 0.58
N THR B 121 -22.59 8.27 0.99
CA THR B 121 -21.66 7.57 0.08
C THR B 121 -20.76 6.71 0.96
N ASP B 122 -20.36 5.55 0.48
CA ASP B 122 -19.29 4.77 1.11
C ASP B 122 -17.94 5.29 0.68
N ILE B 123 -17.15 5.69 1.66
CA ILE B 123 -15.87 6.29 1.47
C ILE B 123 -14.77 5.32 1.95
N CYS B 124 -13.79 5.10 1.08
CA CYS B 124 -12.66 4.25 1.43
C CYS B 124 -11.51 5.18 1.73
N ILE B 125 -11.05 5.20 2.99
CA ILE B 125 -9.93 6.04 3.44
C ILE B 125 -8.85 5.06 4.01
N HIS B 126 -7.71 5.04 3.31
CA HIS B 126 -6.54 4.16 3.64
C HIS B 126 -7.03 2.79 3.96
N LYS B 127 -7.75 2.19 3.01
CA LYS B 127 -8.25 0.82 3.01
C LYS B 127 -9.38 0.43 3.98
N ARG B 128 -9.93 1.41 4.73
CA ARG B 128 -11.11 1.23 5.56
C ARG B 128 -12.27 1.83 4.87
N THR B 129 -13.34 1.07 4.63
CA THR B 129 -14.52 1.63 3.96
C THR B 129 -15.53 2.04 5.04
N ILE B 130 -16.01 3.28 5.00
CA ILE B 130 -16.85 3.87 6.07
C ILE B 130 -18.00 4.64 5.41
N LYS B 131 -19.22 4.42 5.92
CA LYS B 131 -20.44 5.13 5.50
CA LYS B 131 -20.41 5.16 5.49
C LYS B 131 -20.30 6.61 5.91
N MET B 132 -20.28 7.52 4.94
CA MET B 132 -20.12 8.92 5.23
C MET B 132 -21.20 9.76 4.63
N ALA B 133 -21.39 10.94 5.16
CA ALA B 133 -22.09 11.94 4.46
C ALA B 133 -21.14 12.85 3.64
N GLU B 134 -21.52 13.19 2.39
CA GLU B 134 -20.71 14.13 1.62
C GLU B 134 -21.41 15.48 1.53
N VAL B 135 -20.79 16.45 2.16
CA VAL B 135 -21.39 17.79 2.42
C VAL B 135 -21.01 18.76 1.33
N ASN B 136 -22.01 19.50 0.85
CA ASN B 136 -21.80 20.46 -0.18
C ASN B 136 -22.84 21.57 -0.12
N PHE B 137 -22.48 22.68 -0.74
CA PHE B 137 -23.40 23.78 -1.02
C PHE B 137 -23.80 24.55 0.24
N LEU B 138 -23.02 24.42 1.27
CA LEU B 138 -23.15 25.39 2.37
C LEU B 138 -23.11 26.83 1.83
N CYS B 139 -24.12 27.63 2.21
CA CYS B 139 -24.28 28.99 1.69
C CYS B 139 -25.15 29.80 2.62
N VAL B 140 -24.67 30.98 2.91
CA VAL B 140 -25.37 31.99 3.72
C VAL B 140 -25.40 33.26 2.93
N HIS B 141 -26.58 33.91 2.93
CA HIS B 141 -26.83 35.07 2.06
C HIS B 141 -25.76 36.09 2.36
N LYS B 142 -25.31 36.83 1.33
CA LYS B 142 -24.27 37.89 1.53
C LYS B 142 -24.59 38.97 2.55
N THR B 143 -25.86 39.24 2.78
CA THR B 143 -26.31 40.23 3.78
C THR B 143 -26.25 39.80 5.24
N LEU B 144 -25.87 38.53 5.49
CA LEU B 144 -26.00 37.94 6.82
C LEU B 144 -24.65 37.29 7.19
N ARG B 145 -23.62 37.74 6.51
CA ARG B 145 -22.30 37.11 6.69
C ARG B 145 -21.69 37.48 8.03
N SER B 146 -20.91 36.58 8.61
CA SER B 146 -20.22 36.83 9.88
C SER B 146 -21.14 37.00 11.08
N LYS B 147 -22.30 36.36 11.03
CA LYS B 147 -23.21 36.23 12.17
C LYS B 147 -23.10 34.89 12.87
N ARG B 148 -22.12 34.05 12.58
CA ARG B 148 -22.09 32.69 13.14
C ARG B 148 -23.35 31.88 12.76
N LEU B 149 -23.97 32.10 11.59
CA LEU B 149 -25.01 31.23 11.08
C LEU B 149 -24.43 29.90 10.59
N ALA B 150 -23.26 29.96 9.96
CA ALA B 150 -22.62 28.75 9.38
C ALA B 150 -22.43 27.60 10.42
N PRO B 151 -22.00 27.90 11.66
CA PRO B 151 -21.95 26.82 12.61
C PRO B 151 -23.29 26.25 12.95
N VAL B 152 -24.41 26.99 12.85
CA VAL B 152 -25.69 26.43 13.21
C VAL B 152 -26.08 25.40 12.13
N LEU B 153 -25.86 25.75 10.88
CA LEU B 153 -26.07 24.86 9.74
C LEU B 153 -25.27 23.60 9.80
N ILE B 154 -24.02 23.71 10.20
CA ILE B 154 -23.19 22.57 10.33
C ILE B 154 -23.60 21.58 11.45
N LYS B 155 -23.91 22.15 12.62
CA LYS B 155 -24.36 21.35 13.73
C LYS B 155 -25.72 20.70 13.42
N GLU B 156 -26.63 21.44 12.82
CA GLU B 156 -27.92 20.87 12.40
C GLU B 156 -27.80 19.69 11.41
N ILE B 157 -26.99 19.93 10.38
CA ILE B 157 -26.75 18.84 9.47
C ILE B 157 -26.10 17.59 10.12
N THR B 158 -25.06 17.83 10.95
CA THR B 158 -24.42 16.76 11.73
C THR B 158 -25.41 16.02 12.57
N ARG B 159 -26.33 16.70 13.25
CA ARG B 159 -27.35 16.03 14.03
C ARG B 159 -28.17 15.05 13.11
N ARG B 160 -28.58 15.61 11.94
CA ARG B 160 -29.45 14.91 11.07
C ARG B 160 -28.79 13.74 10.38
N ILE B 161 -27.51 13.86 10.16
CA ILE B 161 -26.67 12.75 9.67
C ILE B 161 -26.49 11.66 10.76
N ASN B 162 -26.25 12.13 11.98
CA ASN B 162 -26.03 11.24 13.11
C ASN B 162 -27.26 10.34 13.37
N LEU B 163 -28.45 10.87 13.07
CA LEU B 163 -29.73 10.17 13.29
C LEU B 163 -29.84 9.07 12.26
N GLU B 164 -28.93 9.09 11.30
CA GLU B 164 -28.83 7.96 10.38
C GLU B 164 -27.75 6.93 10.78
N ASN B 165 -27.22 7.03 12.00
CA ASN B 165 -26.11 6.21 12.46
C ASN B 165 -24.88 6.38 11.54
N ILE B 166 -24.61 7.62 11.14
CA ILE B 166 -23.46 8.00 10.29
C ILE B 166 -22.75 9.06 11.04
N TRP B 167 -21.43 8.86 11.17
CA TRP B 167 -20.66 9.67 12.12
C TRP B 167 -19.40 10.37 11.56
N GLN B 168 -19.19 10.21 10.27
CA GLN B 168 -18.06 10.75 9.53
C GLN B 168 -18.66 11.40 8.31
N ALA B 169 -17.98 12.43 7.80
CA ALA B 169 -18.28 13.07 6.58
C ALA B 169 -17.00 13.50 5.87
N ILE B 170 -17.18 13.79 4.58
CA ILE B 170 -16.13 14.37 3.73
C ILE B 170 -16.68 15.62 3.06
N TYR B 171 -15.86 16.60 2.83
CA TYR B 171 -16.23 17.89 2.24
C TYR B 171 -14.95 18.50 1.79
N THR B 172 -15.00 19.52 0.94
CA THR B 172 -13.87 20.23 0.44
C THR B 172 -14.13 21.71 0.65
N ALA B 173 -13.08 22.53 0.63
CA ALA B 173 -13.24 23.94 0.68
C ALA B 173 -11.97 24.58 0.17
N GLY B 174 -12.09 25.77 -0.48
CA GLY B 174 -10.97 26.68 -0.80
C GLY B 174 -10.28 27.39 0.34
N VAL B 175 -10.92 27.36 1.51
CA VAL B 175 -10.43 28.03 2.70
C VAL B 175 -9.73 26.95 3.50
N TYR B 176 -8.75 27.35 4.29
CA TYR B 176 -8.00 26.52 5.21
C TYR B 176 -8.73 26.45 6.57
N LEU B 177 -8.91 25.25 7.08
CA LEU B 177 -9.76 24.90 8.21
C LEU B 177 -9.09 23.69 8.87
N PRO B 178 -9.30 23.51 10.17
CA PRO B 178 -8.63 22.35 10.67
C PRO B 178 -9.37 21.06 10.25
N LYS B 179 -8.68 20.08 9.64
CA LYS B 179 -7.34 20.16 9.12
C LYS B 179 -7.37 19.33 7.86
N PRO B 180 -6.76 19.81 6.77
CA PRO B 180 -6.97 18.96 5.56
C PRO B 180 -6.31 17.58 5.59
N VAL B 181 -6.95 16.60 4.94
CA VAL B 181 -6.27 15.32 4.63
C VAL B 181 -5.42 15.38 3.36
N SER B 182 -5.83 16.22 2.42
CA SER B 182 -4.98 16.49 1.22
C SER B 182 -5.33 17.87 0.74
N ASP B 183 -4.49 18.44 -0.10
CA ASP B 183 -4.70 19.80 -0.62
C ASP B 183 -4.33 19.81 -2.10
N ALA B 184 -5.28 20.08 -2.99
CA ALA B 184 -5.05 19.85 -4.44
C ALA B 184 -5.17 21.15 -5.19
N ARG B 185 -4.09 21.56 -5.86
CA ARG B 185 -4.19 22.78 -6.71
C ARG B 185 -5.15 22.55 -7.88
N TYR B 186 -5.85 23.58 -8.36
CA TYR B 186 -6.60 23.38 -9.61
C TYR B 186 -5.90 24.11 -10.78
N TYR B 187 -6.23 23.65 -11.97
CA TYR B 187 -5.59 23.97 -13.22
C TYR B 187 -6.63 24.14 -14.29
N HIS B 188 -6.33 24.94 -15.30
CA HIS B 188 -7.31 25.39 -16.34
C HIS B 188 -6.83 25.21 -17.73
N ARG B 189 -7.56 24.48 -18.57
CA ARG B 189 -7.11 24.40 -19.99
C ARG B 189 -7.95 25.29 -20.92
N SER B 190 -7.42 26.42 -21.40
CA SER B 190 -8.23 27.34 -22.24
C SER B 190 -8.76 26.60 -23.44
N ILE B 191 -9.99 26.85 -23.83
CA ILE B 191 -10.55 26.35 -25.11
C ILE B 191 -10.92 27.57 -25.98
N ASN B 192 -11.77 28.47 -25.47
CA ASN B 192 -12.21 29.65 -26.18
C ASN B 192 -11.36 30.83 -25.64
N VAL B 193 -10.20 30.99 -26.24
CA VAL B 193 -9.08 31.77 -25.69
C VAL B 193 -9.50 33.23 -25.68
N LYS B 194 -10.11 33.65 -26.78
CA LYS B 194 -10.44 35.07 -26.94
C LYS B 194 -11.41 35.56 -25.85
N LYS B 195 -12.39 34.72 -25.56
CA LYS B 195 -13.34 34.99 -24.52
C LYS B 195 -12.68 35.04 -23.19
N LEU B 196 -11.85 34.04 -22.87
CA LEU B 196 -11.22 34.03 -21.58
C LEU B 196 -10.28 35.24 -21.36
N ILE B 197 -9.67 35.72 -22.42
CA ILE B 197 -8.85 36.97 -22.31
C ILE B 197 -9.74 38.11 -21.96
N GLU B 198 -10.80 38.25 -22.75
CA GLU B 198 -11.73 39.37 -22.65
C GLU B 198 -12.39 39.43 -21.31
N ILE B 199 -12.51 38.28 -20.61
CA ILE B 199 -13.21 38.32 -19.31
C ILE B 199 -12.26 38.37 -18.13
N GLY B 200 -10.96 38.37 -18.41
CA GLY B 200 -9.93 38.39 -17.39
C GLY B 200 -9.66 37.06 -16.71
N PHE B 201 -10.00 35.98 -17.41
CA PHE B 201 -9.75 34.66 -16.89
C PHE B 201 -8.35 34.20 -17.25
N SER B 202 -7.99 34.41 -18.52
CA SER B 202 -6.60 34.24 -19.00
C SER B 202 -5.95 35.59 -19.30
N SER B 203 -4.65 35.60 -19.61
CA SER B 203 -3.95 36.86 -19.94
CA SER B 203 -3.94 36.85 -19.91
C SER B 203 -3.07 36.74 -21.17
N LEU B 204 -2.79 37.88 -21.84
CA LEU B 204 -1.84 37.97 -22.98
C LEU B 204 -0.58 38.71 -22.56
N ASN B 205 0.45 38.71 -23.40
N ASN B 205 0.49 38.56 -23.37
CA ASN B 205 1.64 39.50 -23.16
CA ASN B 205 1.85 39.18 -23.23
C ASN B 205 2.24 39.96 -24.48
C ASN B 205 2.25 39.93 -24.50
N SER B 206 3.24 40.83 -24.40
CA SER B 206 3.89 41.29 -25.63
CA SER B 206 4.01 41.30 -25.57
C SER B 206 4.39 40.10 -26.45
N ARG B 207 4.90 39.06 -25.78
CA ARG B 207 5.29 37.80 -26.44
C ARG B 207 4.16 36.77 -26.68
N LEU B 208 2.96 37.06 -26.18
CA LEU B 208 1.76 36.31 -26.58
C LEU B 208 0.69 37.28 -27.04
N THR B 209 0.63 37.56 -28.35
CA THR B 209 -0.44 38.39 -28.95
C THR B 209 -1.70 37.58 -29.00
N MET B 210 -2.82 38.25 -29.25
CA MET B 210 -4.10 37.55 -29.31
C MET B 210 -4.10 36.35 -30.31
N SER B 211 -3.55 36.53 -31.52
CA SER B 211 -3.62 35.49 -32.51
C SER B 211 -2.68 34.32 -32.13
N ARG B 212 -1.50 34.66 -31.61
CA ARG B 212 -0.61 33.66 -31.04
C ARG B 212 -1.22 32.81 -29.94
N ALA B 213 -1.98 33.42 -29.03
CA ALA B 213 -2.72 32.70 -27.99
C ALA B 213 -3.69 31.72 -28.57
N ILE B 214 -4.40 32.22 -29.55
CA ILE B 214 -5.41 31.39 -30.21
C ILE B 214 -4.74 30.18 -30.84
N LYS B 215 -3.68 30.49 -31.55
CA LYS B 215 -2.88 29.45 -32.16
C LYS B 215 -2.42 28.42 -31.15
N LEU B 216 -1.93 28.89 -30.00
CA LEU B 216 -1.32 27.99 -29.01
C LEU B 216 -2.30 27.00 -28.41
N TYR B 217 -3.59 27.39 -28.31
CA TYR B 217 -4.58 26.54 -27.68
C TYR B 217 -5.47 25.84 -28.67
N ARG B 218 -5.26 26.05 -29.97
CA ARG B 218 -5.92 25.30 -31.05
C ARG B 218 -5.73 23.81 -30.94
N VAL B 219 -6.75 23.05 -31.32
CA VAL B 219 -6.73 21.60 -31.12
C VAL B 219 -7.32 20.91 -32.36
N GLU B 220 -6.65 19.87 -32.81
CA GLU B 220 -7.21 19.01 -33.80
C GLU B 220 -8.57 18.40 -33.45
N ASP B 221 -9.54 18.59 -34.31
CA ASP B 221 -10.88 18.02 -34.09
C ASP B 221 -10.97 16.50 -34.44
N THR B 222 -9.97 15.71 -34.02
CA THR B 222 -10.01 14.23 -34.24
C THR B 222 -9.63 13.50 -32.97
N LEU B 223 -10.38 12.47 -32.55
CA LEU B 223 -10.01 11.78 -31.31
C LEU B 223 -8.79 10.88 -31.45
N ASN B 224 -8.03 10.76 -30.38
CA ASN B 224 -7.05 9.71 -30.24
C ASN B 224 -7.75 8.33 -30.21
N ILE B 225 -8.84 8.20 -29.44
CA ILE B 225 -9.57 6.89 -29.24
C ILE B 225 -10.82 7.13 -30.03
N LYS B 226 -10.77 6.70 -31.30
CA LYS B 226 -11.77 7.00 -32.29
C LYS B 226 -13.19 6.68 -31.95
N ASN B 227 -13.44 5.58 -31.24
CA ASN B 227 -14.81 5.11 -30.94
C ASN B 227 -15.34 5.69 -29.62
N MET B 228 -14.61 6.64 -28.98
CA MET B 228 -15.11 7.22 -27.74
CA MET B 228 -15.12 7.26 -27.74
C MET B 228 -16.53 7.82 -27.94
N ARG B 229 -17.52 7.34 -27.19
CA ARG B 229 -18.93 7.71 -27.46
C ARG B 229 -19.67 7.90 -26.17
N LEU B 230 -20.70 8.71 -26.20
CA LEU B 230 -21.49 8.83 -24.99
C LEU B 230 -21.92 7.48 -24.39
N MET B 231 -21.84 7.45 -23.09
CA MET B 231 -22.21 6.31 -22.27
C MET B 231 -23.69 5.98 -22.35
N LYS B 232 -23.99 4.71 -22.45
CA LYS B 232 -25.36 4.27 -22.47
C LYS B 232 -25.66 3.40 -21.26
N LYS B 233 -26.93 3.25 -20.93
CA LYS B 233 -27.31 2.40 -19.82
C LYS B 233 -26.64 0.98 -19.88
N LYS B 234 -26.51 0.44 -21.10
CA LYS B 234 -25.83 -0.87 -21.31
C LYS B 234 -24.41 -0.91 -20.75
N ASP B 235 -23.81 0.28 -20.65
CA ASP B 235 -22.40 0.40 -20.27
C ASP B 235 -22.19 0.48 -18.76
N VAL B 236 -23.27 0.52 -17.99
CA VAL B 236 -23.18 0.72 -16.49
C VAL B 236 -22.29 -0.34 -15.81
N GLU B 237 -22.52 -1.65 -16.08
CA GLU B 237 -21.69 -2.70 -15.42
C GLU B 237 -20.22 -2.51 -15.81
N GLY B 238 -19.98 -2.20 -17.09
CA GLY B 238 -18.63 -2.14 -17.58
C GLY B 238 -17.92 -0.92 -17.01
N VAL B 239 -18.62 0.18 -16.87
CA VAL B 239 -18.08 1.36 -16.19
C VAL B 239 -17.75 1.04 -14.74
N HIS B 240 -18.63 0.33 -14.07
CA HIS B 240 -18.47 -0.05 -12.66
C HIS B 240 -17.24 -0.88 -12.44
N LYS B 241 -17.01 -1.85 -13.33
CA LYS B 241 -15.82 -2.69 -13.20
C LYS B 241 -14.60 -1.86 -13.48
N LEU B 242 -14.60 -1.15 -14.57
CA LEU B 242 -13.39 -0.35 -14.97
C LEU B 242 -12.97 0.67 -13.93
N LEU B 243 -13.93 1.53 -13.53
CA LEU B 243 -13.71 2.56 -12.51
C LEU B 243 -13.43 1.97 -11.14
N GLY B 244 -14.27 0.98 -10.76
CA GLY B 244 -14.12 0.20 -9.49
C GLY B 244 -12.71 -0.35 -9.25
N SER B 245 -12.20 -1.07 -10.25
N SER B 245 -12.17 -1.04 -10.26
CA SER B 245 -10.85 -1.60 -10.19
CA SER B 245 -10.82 -1.58 -10.18
C SER B 245 -9.81 -0.48 -10.08
C SER B 245 -9.75 -0.52 -10.16
N TYR B 246 -9.93 0.53 -10.95
CA TYR B 246 -9.00 1.68 -11.05
C TYR B 246 -8.87 2.47 -9.76
N LEU B 247 -9.96 2.68 -9.07
CA LEU B 247 -9.91 3.54 -7.91
C LEU B 247 -9.23 2.92 -6.71
N GLU B 248 -9.15 1.58 -6.72
CA GLU B 248 -8.71 0.81 -5.56
C GLU B 248 -7.27 1.19 -5.18
N GLN B 249 -6.50 1.80 -6.09
CA GLN B 249 -5.11 2.26 -5.85
C GLN B 249 -5.01 3.46 -4.92
N PHE B 250 -6.11 4.19 -4.77
CA PHE B 250 -6.04 5.46 -4.08
C PHE B 250 -6.26 5.30 -2.59
N ASN B 251 -5.74 6.26 -1.92
CA ASN B 251 -5.89 6.32 -0.50
C ASN B 251 -7.23 6.91 0.01
N LEU B 252 -8.03 7.50 -0.88
CA LEU B 252 -9.33 8.09 -0.53
C LEU B 252 -10.13 8.03 -1.80
N TYR B 253 -11.32 7.42 -1.74
CA TYR B 253 -12.18 7.19 -2.90
C TYR B 253 -13.52 6.67 -2.50
N ALA B 254 -14.52 7.06 -3.28
CA ALA B 254 -15.85 6.48 -3.19
C ALA B 254 -15.93 5.03 -3.66
N VAL B 255 -16.70 4.26 -2.95
CA VAL B 255 -16.86 2.90 -3.37
C VAL B 255 -18.25 2.82 -4.03
N PHE B 256 -18.32 2.99 -5.35
CA PHE B 256 -19.60 3.06 -6.02
C PHE B 256 -20.26 1.74 -6.26
N THR B 257 -21.55 1.71 -6.01
CA THR B 257 -22.40 0.58 -6.35
C THR B 257 -22.74 0.70 -7.83
N LYS B 258 -23.37 -0.31 -8.41
CA LYS B 258 -23.83 -0.23 -9.78
C LYS B 258 -24.85 0.96 -9.93
N GLU B 259 -25.75 1.08 -8.93
CA GLU B 259 -26.80 2.07 -8.98
C GLU B 259 -26.12 3.42 -8.86
N GLU B 260 -25.00 3.52 -8.13
CA GLU B 260 -24.28 4.82 -8.03
C GLU B 260 -23.54 5.16 -9.30
N ILE B 261 -23.01 4.14 -9.96
CA ILE B 261 -22.47 4.32 -11.30
C ILE B 261 -23.54 4.84 -12.29
N ALA B 262 -24.72 4.20 -12.38
CA ALA B 262 -25.75 4.72 -13.24
C ALA B 262 -26.06 6.20 -12.93
N HIS B 263 -26.20 6.57 -11.62
CA HIS B 263 -26.51 7.95 -11.31
C HIS B 263 -25.49 9.02 -11.72
N TRP B 264 -24.25 8.80 -11.36
CA TRP B 264 -23.17 9.76 -11.35
C TRP B 264 -22.54 9.91 -12.69
N PHE B 265 -22.81 8.92 -13.58
CA PHE B 265 -22.17 8.91 -14.90
C PHE B 265 -23.09 8.97 -16.12
N LEU B 266 -24.31 8.44 -16.05
CA LEU B 266 -25.13 8.49 -17.28
C LEU B 266 -25.40 9.91 -17.76
N PRO B 267 -25.10 10.19 -19.06
CA PRO B 267 -25.07 11.59 -19.42
C PRO B 267 -26.40 12.35 -19.27
N ILE B 268 -26.26 13.61 -18.85
CA ILE B 268 -27.38 14.54 -18.80
C ILE B 268 -26.78 15.81 -19.41
N GLU B 269 -27.39 16.24 -20.53
CA GLU B 269 -27.05 17.52 -21.15
C GLU B 269 -26.99 18.70 -20.17
N ASN B 270 -25.87 19.37 -20.25
CA ASN B 270 -25.49 20.51 -19.47
C ASN B 270 -25.34 20.19 -18.00
N VAL B 271 -25.10 18.91 -17.72
CA VAL B 271 -24.84 18.51 -16.35
C VAL B 271 -23.63 17.59 -16.27
N ILE B 272 -23.78 16.36 -16.78
CA ILE B 272 -22.68 15.40 -16.64
C ILE B 272 -22.53 14.68 -18.01
N TYR B 273 -21.29 14.60 -18.41
CA TYR B 273 -20.90 13.96 -19.67
C TYR B 273 -19.95 12.82 -19.41
N THR B 274 -20.26 11.68 -19.99
CA THR B 274 -19.36 10.52 -19.82
C THR B 274 -19.28 9.80 -21.18
N TYR B 275 -18.03 9.53 -21.61
CA TYR B 275 -17.76 8.89 -22.84
C TYR B 275 -17.01 7.60 -22.55
N VAL B 276 -17.32 6.61 -23.34
CA VAL B 276 -16.66 5.34 -23.21
C VAL B 276 -16.09 4.77 -24.51
N ASN B 277 -15.05 3.97 -24.37
CA ASN B 277 -14.53 3.12 -25.47
C ASN B 277 -14.87 1.61 -25.21
N GLU B 278 -15.72 1.06 -26.05
CA GLU B 278 -16.08 -0.34 -25.95
C GLU B 278 -15.31 -1.03 -27.05
N GLU B 279 -14.61 -2.11 -26.71
CA GLU B 279 -13.75 -2.88 -27.63
C GLU B 279 -14.02 -4.32 -27.25
N ASN B 280 -14.58 -5.07 -28.21
CA ASN B 280 -14.59 -6.51 -28.12
C ASN B 280 -15.39 -6.88 -26.87
N GLY B 281 -16.56 -6.28 -26.73
CA GLY B 281 -17.41 -6.53 -25.58
C GLY B 281 -17.27 -5.73 -24.27
N LYS B 282 -16.12 -5.06 -24.05
CA LYS B 282 -15.70 -4.59 -22.73
CA LYS B 282 -15.63 -4.59 -22.72
C LYS B 282 -15.39 -3.08 -22.75
N ILE B 283 -15.81 -2.37 -21.70
CA ILE B 283 -15.48 -0.96 -21.57
C ILE B 283 -14.01 -0.82 -21.17
N LYS B 284 -13.20 -0.30 -22.06
CA LYS B 284 -11.77 -0.30 -21.82
C LYS B 284 -11.24 1.08 -21.44
N ASP B 285 -11.99 2.11 -21.75
CA ASP B 285 -11.56 3.49 -21.47
C ASP B 285 -12.85 4.29 -21.15
N MET B 286 -12.75 5.29 -20.27
CA MET B 286 -13.85 6.20 -19.93
C MET B 286 -13.32 7.61 -19.79
N ILE B 287 -14.13 8.55 -20.23
CA ILE B 287 -13.90 9.98 -20.03
C ILE B 287 -15.13 10.57 -19.36
N SER B 288 -14.98 11.34 -18.26
CA SER B 288 -16.16 12.08 -17.74
C SER B 288 -15.83 13.46 -17.27
N PHE B 289 -16.81 14.35 -17.43
CA PHE B 289 -16.69 15.78 -16.95
C PHE B 289 -18.07 16.37 -16.71
N TYR B 290 -18.19 17.24 -15.71
CA TYR B 290 -19.47 17.89 -15.42
C TYR B 290 -19.41 19.37 -15.80
N SER B 291 -20.61 19.95 -15.94
CA SER B 291 -20.76 21.32 -16.23
C SER B 291 -21.00 22.24 -15.04
N LEU B 292 -20.16 23.25 -14.92
CA LEU B 292 -20.34 24.15 -13.81
C LEU B 292 -19.91 25.52 -14.33
N PRO B 293 -20.89 26.36 -14.74
CA PRO B 293 -20.64 27.68 -15.22
C PRO B 293 -20.25 28.66 -14.13
N SER B 294 -19.50 29.69 -14.48
CA SER B 294 -19.36 30.79 -13.54
C SER B 294 -20.02 32.00 -14.15
N GLN B 295 -20.84 32.67 -13.35
CA GLN B 295 -21.42 33.92 -13.77
C GLN B 295 -20.29 34.96 -13.72
N ILE B 296 -20.25 35.78 -14.78
CA ILE B 296 -19.26 36.84 -14.87
C ILE B 296 -19.93 38.07 -14.32
N LEU B 297 -19.23 38.67 -13.38
CA LEU B 297 -19.77 39.78 -12.61
C LEU B 297 -19.36 41.06 -13.29
N GLY B 298 -20.30 41.82 -13.83
CA GLY B 298 -19.95 43.19 -14.29
C GLY B 298 -19.10 43.22 -15.56
N ASN B 299 -19.42 42.32 -16.47
CA ASN B 299 -18.89 42.35 -17.81
C ASN B 299 -20.04 42.53 -18.78
N ASP B 300 -20.04 43.67 -19.48
CA ASP B 300 -21.11 43.98 -20.45
C ASP B 300 -21.34 42.92 -21.50
N LYS B 301 -20.26 42.35 -22.02
CA LYS B 301 -20.34 41.47 -23.17
C LYS B 301 -20.81 40.01 -22.89
N TYR B 302 -20.21 39.41 -21.86
CA TYR B 302 -20.47 38.04 -21.45
C TYR B 302 -21.01 38.08 -20.06
N SER B 303 -21.95 37.20 -19.80
CA SER B 303 -22.53 37.12 -18.51
C SER B 303 -22.11 35.79 -17.82
N THR B 304 -21.65 34.82 -18.65
CA THR B 304 -21.50 33.38 -18.27
C THR B 304 -20.23 32.82 -18.88
N LEU B 305 -19.44 32.11 -18.08
CA LEU B 305 -18.24 31.43 -18.58
C LEU B 305 -18.68 29.95 -18.49
N ASN B 306 -18.74 29.24 -19.63
CA ASN B 306 -19.11 27.82 -19.68
C ASN B 306 -17.82 26.96 -19.45
N ALA B 307 -17.81 26.12 -18.40
CA ALA B 307 -16.63 25.45 -17.91
C ALA B 307 -16.93 23.97 -17.72
N ALA B 308 -16.03 23.10 -18.19
CA ALA B 308 -16.18 21.64 -17.96
C ALA B 308 -15.26 21.29 -16.80
N TYR B 309 -15.72 20.46 -15.85
CA TYR B 309 -14.84 20.01 -14.76
C TYR B 309 -14.51 18.55 -14.92
N SER B 310 -13.22 18.24 -15.04
CA SER B 310 -12.72 16.86 -14.96
C SER B 310 -13.27 16.03 -13.79
N PHE B 311 -13.80 14.87 -14.09
CA PHE B 311 -14.46 14.03 -13.08
C PHE B 311 -13.66 12.72 -12.92
N TYR B 312 -14.05 11.64 -13.61
CA TYR B 312 -13.25 10.39 -13.52
C TYR B 312 -12.88 9.91 -14.92
N ASN B 313 -11.61 9.55 -15.05
CA ASN B 313 -11.00 9.30 -16.40
C ASN B 313 -10.04 8.13 -16.28
N VAL B 314 -10.29 7.15 -17.11
CA VAL B 314 -9.60 5.82 -17.03
C VAL B 314 -9.25 5.29 -18.38
N THR B 315 -7.96 4.99 -18.59
CA THR B 315 -7.56 4.43 -19.88
C THR B 315 -6.79 3.11 -19.73
N THR B 316 -7.02 2.18 -20.64
CA THR B 316 -6.23 0.96 -20.68
C THR B 316 -5.74 0.74 -22.09
N THR B 317 -6.27 1.45 -23.09
CA THR B 317 -5.78 1.25 -24.48
C THR B 317 -5.05 2.48 -25.06
N ALA B 318 -4.73 3.49 -24.26
CA ALA B 318 -4.08 4.71 -24.71
C ALA B 318 -3.19 5.18 -23.56
N THR B 319 -2.45 6.25 -23.78
CA THR B 319 -1.74 6.88 -22.71
C THR B 319 -2.77 7.72 -21.94
N PHE B 320 -2.48 8.01 -20.68
CA PHE B 320 -3.33 8.97 -19.97
C PHE B 320 -3.34 10.34 -20.62
N LYS B 321 -2.23 10.81 -21.12
CA LYS B 321 -2.17 12.09 -21.89
C LYS B 321 -3.15 12.09 -23.09
N GLN B 322 -3.16 11.04 -23.91
CA GLN B 322 -4.10 10.97 -25.04
C GLN B 322 -5.55 10.91 -24.58
N LEU B 323 -5.77 10.28 -23.41
CA LEU B 323 -7.13 10.19 -22.91
C LEU B 323 -7.62 11.57 -22.52
N MET B 324 -6.80 12.30 -21.77
CA MET B 324 -7.11 13.65 -21.39
C MET B 324 -7.12 14.67 -22.53
N GLN B 325 -6.38 14.40 -23.62
CA GLN B 325 -6.40 15.25 -24.78
C GLN B 325 -7.79 15.07 -25.46
N ASP B 326 -8.24 13.80 -25.53
CA ASP B 326 -9.63 13.51 -25.99
C ASP B 326 -10.65 14.10 -25.05
N ALA B 327 -10.37 14.17 -23.75
CA ALA B 327 -11.38 14.76 -22.87
C ALA B 327 -11.63 16.27 -23.18
N ILE B 328 -10.53 17.01 -23.42
CA ILE B 328 -10.50 18.42 -23.77
C ILE B 328 -11.24 18.57 -25.06
N LEU B 329 -10.93 17.70 -26.03
CA LEU B 329 -11.65 17.80 -27.31
C LEU B 329 -13.15 17.60 -27.14
N LEU B 330 -13.57 16.54 -26.43
CA LEU B 330 -14.98 16.39 -26.15
C LEU B 330 -15.59 17.60 -25.41
N ALA B 331 -14.89 18.14 -24.41
CA ALA B 331 -15.39 19.42 -23.82
C ALA B 331 -15.56 20.52 -24.88
N LYS B 332 -14.59 20.59 -25.82
CA LYS B 332 -14.65 21.64 -26.85
C LYS B 332 -15.85 21.44 -27.78
N ARG B 333 -16.07 20.18 -28.18
CA ARG B 333 -17.23 19.86 -28.99
C ARG B 333 -18.56 20.19 -28.35
N ASN B 334 -18.56 20.21 -27.01
CA ASN B 334 -19.76 20.45 -26.26
C ASN B 334 -19.89 21.88 -25.82
N ASN B 335 -19.11 22.74 -26.47
CA ASN B 335 -19.18 24.21 -26.35
C ASN B 335 -18.74 24.76 -24.98
N PHE B 336 -17.87 24.05 -24.28
CA PHE B 336 -17.24 24.70 -23.11
C PHE B 336 -16.09 25.60 -23.45
N ASP B 337 -15.85 26.62 -22.61
CA ASP B 337 -14.82 27.65 -22.87
C ASP B 337 -13.47 27.30 -22.24
N VAL B 338 -13.50 26.36 -21.26
CA VAL B 338 -12.37 25.94 -20.43
C VAL B 338 -12.67 24.61 -19.88
N PHE B 339 -11.61 23.85 -19.64
CA PHE B 339 -11.67 22.54 -19.04
C PHE B 339 -10.76 22.59 -17.80
N ASN B 340 -11.35 22.36 -16.64
CA ASN B 340 -10.71 22.50 -15.36
C ASN B 340 -10.41 21.16 -14.73
N ALA B 341 -9.30 21.02 -14.02
CA ALA B 341 -9.02 19.75 -13.34
C ALA B 341 -8.26 20.10 -12.05
N LEU B 342 -8.22 19.09 -11.19
CA LEU B 342 -7.49 19.12 -9.90
C LEU B 342 -6.27 18.24 -10.07
N GLU B 343 -5.17 18.50 -9.35
CA GLU B 343 -3.98 17.63 -9.36
C GLU B 343 -4.17 16.36 -8.51
N VAL B 344 -5.30 15.69 -8.69
CA VAL B 344 -5.58 14.42 -8.01
C VAL B 344 -5.36 13.28 -9.00
N MET B 345 -5.45 12.06 -8.50
CA MET B 345 -5.28 10.89 -9.33
C MET B 345 -4.05 11.06 -10.20
N GLN B 346 -4.16 10.82 -11.51
CA GLN B 346 -2.95 10.97 -12.34
C GLN B 346 -2.87 12.32 -13.05
N ASN B 347 -3.72 13.24 -12.72
CA ASN B 347 -3.97 14.37 -13.61
C ASN B 347 -2.77 15.26 -13.75
N LYS B 348 -1.99 15.46 -12.72
CA LYS B 348 -0.99 16.50 -12.75
C LYS B 348 0.02 16.15 -13.85
N SER B 349 0.22 14.86 -14.04
CA SER B 349 1.26 14.38 -15.01
C SER B 349 1.00 14.84 -16.43
N VAL B 350 -0.19 15.35 -16.74
CA VAL B 350 -0.46 15.74 -18.14
C VAL B 350 -0.65 17.25 -18.29
N PHE B 351 -0.74 17.98 -17.17
CA PHE B 351 -1.04 19.45 -17.23
C PHE B 351 -0.03 20.24 -18.06
N GLU B 352 1.28 19.98 -17.86
CA GLU B 352 2.30 20.70 -18.62
C GLU B 352 2.21 20.43 -20.15
N ASP B 353 2.21 19.16 -20.56
CA ASP B 353 2.10 18.79 -21.98
C ASP B 353 0.74 19.20 -22.65
N LEU B 354 -0.31 19.26 -21.86
CA LEU B 354 -1.62 19.56 -22.45
C LEU B 354 -2.01 21.03 -22.35
N LYS B 355 -1.07 21.87 -21.87
CA LYS B 355 -1.16 23.31 -21.89
C LYS B 355 -2.18 23.85 -20.92
N PHE B 356 -2.36 23.12 -19.80
CA PHE B 356 -3.13 23.68 -18.66
C PHE B 356 -2.28 24.75 -17.92
N GLY B 357 -2.94 25.79 -17.40
CA GLY B 357 -2.36 26.84 -16.56
C GLY B 357 -2.71 26.61 -15.10
N GLU B 358 -1.77 26.86 -14.19
CA GLU B 358 -2.08 26.74 -12.78
C GLU B 358 -2.98 27.89 -12.33
N GLY B 359 -3.99 27.56 -11.51
CA GLY B 359 -4.94 28.52 -11.02
C GLY B 359 -4.40 29.32 -9.85
N ASP B 360 -5.30 30.06 -9.19
CA ASP B 360 -4.89 30.97 -8.09
C ASP B 360 -4.94 30.40 -6.66
N GLY B 361 -5.25 29.14 -6.44
CA GLY B 361 -5.44 28.71 -5.05
C GLY B 361 -5.59 27.24 -5.10
N SER B 362 -6.12 26.62 -4.05
CA SER B 362 -6.23 25.16 -4.01
C SER B 362 -7.52 24.74 -3.34
N LEU B 363 -7.82 23.48 -3.50
CA LEU B 363 -8.94 22.87 -2.80
C LEU B 363 -8.48 21.86 -1.75
N LYS B 364 -8.86 22.07 -0.50
CA LYS B 364 -8.60 21.24 0.62
C LYS B 364 -9.68 20.20 0.72
N TYR B 365 -9.24 18.99 1.03
CA TYR B 365 -10.08 17.87 1.26
C TYR B 365 -10.05 17.70 2.77
N TYR B 366 -11.24 17.57 3.36
CA TYR B 366 -11.35 17.29 4.76
C TYR B 366 -12.22 16.07 5.06
N LEU B 367 -11.91 15.48 6.18
CA LEU B 367 -12.82 14.57 6.83
C LEU B 367 -13.33 15.01 8.18
N TYR B 368 -14.54 14.57 8.53
CA TYR B 368 -15.03 14.86 9.87
C TYR B 368 -15.09 13.63 10.70
N ASN B 369 -14.61 13.75 11.95
CA ASN B 369 -14.55 12.67 12.90
C ASN B 369 -13.74 11.45 12.38
N TRP B 370 -12.59 11.80 11.82
CA TRP B 370 -11.70 10.77 11.31
C TRP B 370 -10.27 11.21 11.50
N LYS B 371 -9.50 10.33 12.13
CA LYS B 371 -8.07 10.49 12.37
C LYS B 371 -7.22 9.63 11.42
N CYS B 372 -6.42 10.28 10.59
CA CYS B 372 -5.61 9.49 9.65
C CYS B 372 -4.43 10.40 9.22
N ALA B 373 -3.48 9.77 8.58
CA ALA B 373 -2.35 10.55 7.98
C ALA B 373 -2.80 11.34 6.76
N SER B 374 -2.20 12.48 6.55
CA SER B 374 -2.49 13.26 5.35
C SER B 374 -1.64 12.68 4.23
N PHE B 375 -1.89 13.06 2.98
CA PHE B 375 -1.26 12.45 1.86
C PHE B 375 -1.28 13.49 0.73
N ALA B 376 -0.26 13.38 -0.14
CA ALA B 376 -0.22 14.18 -1.37
C ALA B 376 -1.44 13.93 -2.30
N PRO B 377 -1.79 14.94 -3.09
CA PRO B 377 -3.02 14.78 -3.82
C PRO B 377 -3.08 13.69 -4.93
N ALA B 378 -1.92 13.19 -5.42
CA ALA B 378 -1.90 12.04 -6.33
C ALA B 378 -2.58 10.82 -5.76
N HIS B 379 -2.66 10.76 -4.42
CA HIS B 379 -3.30 9.62 -3.78
C HIS B 379 -4.76 9.88 -3.51
N VAL B 380 -5.24 11.08 -3.80
CA VAL B 380 -6.67 11.31 -3.69
C VAL B 380 -7.37 10.75 -4.97
N GLY B 381 -8.44 10.00 -4.76
CA GLY B 381 -9.16 9.12 -5.75
C GLY B 381 -10.60 9.58 -5.87
N ILE B 382 -10.91 10.75 -5.32
CA ILE B 382 -12.29 11.23 -5.29
C ILE B 382 -12.44 12.70 -5.72
N VAL B 383 -13.48 13.00 -6.52
CA VAL B 383 -13.66 14.35 -7.06
C VAL B 383 -15.07 14.79 -6.62
N LEU B 384 -15.13 15.79 -5.76
CA LEU B 384 -16.41 16.34 -5.29
C LEU B 384 -16.92 17.46 -6.20
N LEU B 385 -18.17 17.86 -6.06
CA LEU B 385 -18.76 18.67 -7.09
C LEU B 385 -18.58 20.16 -6.83
N ASP C 2 12.86 -34.71 -1.64
CA ASP C 2 12.75 -33.27 -2.08
C ASP C 2 11.40 -32.88 -2.71
N TYR C 3 10.33 -33.19 -2.01
CA TYR C 3 9.00 -32.69 -2.28
C TYR C 3 8.65 -32.57 -3.75
N LYS C 4 8.77 -33.72 -4.39
CA LYS C 4 8.45 -33.87 -5.79
C LYS C 4 6.95 -33.63 -6.00
N PHE C 5 6.10 -33.95 -5.02
CA PHE C 5 4.68 -33.54 -5.18
C PHE C 5 4.41 -32.04 -4.79
N TRP C 6 4.82 -31.59 -3.61
CA TRP C 6 4.63 -30.20 -3.23
C TRP C 6 5.09 -29.16 -4.24
N TYR C 7 6.14 -29.49 -5.00
CA TYR C 7 6.77 -28.62 -6.06
CA TYR C 7 6.71 -28.50 -5.90
C TYR C 7 5.80 -28.21 -7.10
N THR C 8 4.90 -29.15 -7.39
N THR C 8 4.98 -29.19 -7.46
CA THR C 8 3.87 -29.03 -8.37
CA THR C 8 3.89 -29.03 -8.40
C THR C 8 2.63 -28.26 -7.87
C THR C 8 2.74 -28.13 -7.87
N GLN C 9 2.55 -28.10 -6.56
CA GLN C 9 1.43 -27.36 -5.94
C GLN C 9 1.68 -25.85 -5.69
N PRO C 10 0.60 -25.05 -5.60
CA PRO C 10 0.68 -23.59 -5.29
C PRO C 10 1.01 -23.38 -3.85
N VAL C 11 2.29 -23.63 -3.52
CA VAL C 11 2.77 -23.39 -2.14
C VAL C 11 4.20 -22.83 -2.23
N PRO C 12 4.69 -22.30 -1.13
CA PRO C 12 6.06 -21.84 -1.34
C PRO C 12 7.09 -22.99 -1.52
N LYS C 13 8.23 -22.65 -2.12
CA LYS C 13 9.37 -23.54 -2.17
C LYS C 13 10.07 -23.52 -0.79
N ILE C 14 10.76 -24.60 -0.40
CA ILE C 14 11.25 -24.72 0.99
C ILE C 14 12.16 -23.53 1.37
N ASN C 15 12.73 -22.83 0.39
CA ASN C 15 13.56 -21.66 0.75
C ASN C 15 12.86 -20.29 0.70
N ASP C 16 11.76 -20.21 -0.04
CA ASP C 16 11.02 -18.95 -0.24
C ASP C 16 10.74 -18.13 1.02
N GLU C 17 10.93 -16.82 0.92
CA GLU C 17 10.64 -15.92 2.04
C GLU C 17 9.98 -14.72 1.39
N PHE C 18 8.94 -14.17 2.00
CA PHE C 18 8.22 -13.08 1.33
C PHE C 18 8.20 -11.89 2.20
N ASN C 19 8.29 -10.72 1.56
CA ASN C 19 8.17 -9.50 2.32
C ASN C 19 6.85 -9.29 3.01
N GLU C 20 6.92 -8.52 4.09
CA GLU C 20 5.73 -8.26 4.90
C GLU C 20 4.57 -7.63 4.13
N SER C 21 4.86 -6.91 3.06
CA SER C 21 3.77 -6.36 2.21
C SER C 21 3.10 -7.43 1.26
N VAL C 22 3.60 -8.67 1.28
CA VAL C 22 3.12 -9.68 0.33
C VAL C 22 2.04 -10.46 1.04
N ASN C 23 0.84 -10.47 0.45
CA ASN C 23 -0.27 -11.13 1.09
C ASN C 23 -1.36 -11.44 0.09
N GLU C 24 -1.15 -12.52 -0.69
CA GLU C 24 -2.00 -12.80 -1.87
C GLU C 24 -1.92 -14.27 -2.33
N PRO C 25 -2.87 -14.72 -3.13
CA PRO C 25 -2.74 -16.08 -3.67
C PRO C 25 -1.46 -16.37 -4.53
N PHE C 26 -1.00 -17.62 -4.64
CA PHE C 26 -0.05 -17.91 -5.70
C PHE C 26 -0.74 -17.81 -7.04
N ILE C 27 -1.95 -18.37 -7.11
CA ILE C 27 -2.73 -18.39 -8.37
C ILE C 27 -4.14 -17.83 -8.12
N SER C 28 -4.48 -16.74 -8.80
CA SER C 28 -5.74 -15.98 -8.61
C SER C 28 -6.63 -16.28 -9.82
N ASP C 29 -7.82 -15.71 -9.90
CA ASP C 29 -8.66 -15.87 -11.10
C ASP C 29 -9.00 -17.33 -11.51
N ASN C 30 -9.30 -18.09 -10.48
CA ASN C 30 -9.64 -19.48 -10.63
C ASN C 30 -11.07 -19.56 -11.02
N LYS C 31 -11.42 -20.62 -11.76
CA LYS C 31 -12.80 -20.77 -12.21
C LYS C 31 -13.30 -22.19 -11.98
N VAL C 32 -14.40 -22.28 -11.26
CA VAL C 32 -15.04 -23.54 -10.97
C VAL C 32 -15.39 -24.32 -12.23
N GLU C 33 -15.84 -23.61 -13.28
CA GLU C 33 -16.15 -24.22 -14.59
CA GLU C 33 -16.15 -24.23 -14.57
C GLU C 33 -15.00 -25.06 -15.11
N ASP C 34 -13.75 -24.68 -14.79
CA ASP C 34 -12.58 -25.42 -15.26
C ASP C 34 -12.10 -26.56 -14.39
N VAL C 35 -12.63 -26.70 -13.18
CA VAL C 35 -12.09 -27.74 -12.26
C VAL C 35 -12.39 -29.12 -12.87
N ARG C 36 -11.50 -30.08 -12.63
CA ARG C 36 -11.68 -31.44 -13.12
C ARG C 36 -12.95 -32.03 -12.51
N LYS C 37 -13.81 -32.65 -13.33
CA LYS C 37 -15.02 -33.24 -12.81
C LYS C 37 -14.86 -34.75 -12.50
N ASP C 38 -13.76 -35.34 -12.99
CA ASP C 38 -13.33 -36.70 -12.65
C ASP C 38 -12.54 -36.82 -11.34
N GLU C 39 -13.02 -37.71 -10.49
CA GLU C 39 -12.24 -38.21 -9.35
C GLU C 39 -10.84 -38.69 -9.75
N TYR C 40 -9.83 -38.29 -8.96
CA TYR C 40 -8.50 -38.80 -9.19
C TYR C 40 -8.47 -40.32 -9.11
N LYS C 41 -7.61 -40.88 -9.94
CA LYS C 41 -7.57 -42.31 -10.14
C LYS C 41 -6.80 -42.99 -8.97
N LEU C 42 -7.32 -44.14 -8.54
CA LEU C 42 -6.68 -44.93 -7.50
C LEU C 42 -6.07 -46.19 -8.09
N PRO C 43 -5.17 -46.87 -7.34
CA PRO C 43 -4.67 -48.24 -7.80
C PRO C 43 -5.78 -49.31 -7.90
N PRO C 44 -5.50 -50.42 -8.60
CA PRO C 44 -6.57 -51.43 -8.88
C PRO C 44 -7.17 -51.99 -7.60
N GLY C 45 -8.50 -51.95 -7.52
CA GLY C 45 -9.16 -52.48 -6.35
C GLY C 45 -9.24 -51.55 -5.19
N TYR C 46 -8.99 -50.28 -5.40
CA TYR C 46 -9.21 -49.26 -4.37
C TYR C 46 -10.29 -48.30 -4.90
N SER C 47 -11.22 -47.88 -4.04
CA SER C 47 -12.40 -47.10 -4.40
C SER C 47 -12.61 -45.88 -3.47
N TRP C 48 -13.08 -44.80 -4.03
CA TRP C 48 -13.44 -43.66 -3.21
C TRP C 48 -14.73 -44.02 -2.53
N TYR C 49 -14.92 -43.51 -1.31
CA TYR C 49 -16.10 -43.77 -0.57
C TYR C 49 -16.57 -42.47 0.05
N VAL C 50 -17.87 -42.29 0.01
CA VAL C 50 -18.48 -41.16 0.65
C VAL C 50 -18.72 -41.49 2.14
N CYS C 51 -17.93 -40.90 3.02
CA CYS C 51 -18.17 -41.17 4.42
C CYS C 51 -19.24 -40.23 4.91
N ASP C 52 -20.26 -40.80 5.52
CA ASP C 52 -21.36 -40.02 6.13
C ASP C 52 -21.09 -40.01 7.63
N VAL C 53 -20.44 -38.95 8.11
CA VAL C 53 -20.01 -38.92 9.53
C VAL C 53 -21.22 -38.95 10.48
N LYS C 54 -22.41 -38.65 9.99
CA LYS C 54 -23.55 -38.76 10.88
C LYS C 54 -24.07 -40.16 10.98
N ASP C 55 -23.53 -41.09 10.20
CA ASP C 55 -23.99 -42.45 10.23
C ASP C 55 -23.08 -43.19 11.19
N GLU C 56 -23.65 -43.75 12.23
CA GLU C 56 -22.86 -44.42 13.23
C GLU C 56 -21.83 -45.38 12.58
N LYS C 57 -22.27 -46.25 11.67
CA LYS C 57 -21.39 -47.23 11.00
C LYS C 57 -20.19 -46.55 10.27
N ASP C 58 -20.46 -45.61 9.37
CA ASP C 58 -19.38 -44.85 8.70
C ASP C 58 -18.45 -44.17 9.70
N ARG C 59 -19.03 -43.48 10.70
CA ARG C 59 -18.26 -42.89 11.77
C ARG C 59 -17.37 -43.93 12.51
N SER C 60 -17.91 -45.11 12.87
CA SER C 60 -16.99 -46.13 13.49
C SER C 60 -15.83 -46.60 12.65
N GLU C 61 -16.04 -46.80 11.35
CA GLU C 61 -14.97 -47.07 10.42
C GLU C 61 -13.83 -46.05 10.39
N ILE C 62 -14.17 -44.76 10.29
CA ILE C 62 -13.24 -43.64 10.42
C ILE C 62 -12.53 -43.72 11.74
N TYR C 63 -13.27 -44.00 12.83
CA TYR C 63 -12.64 -44.18 14.11
C TYR C 63 -11.57 -45.27 14.14
N THR C 64 -11.96 -46.46 13.71
CA THR C 64 -11.01 -47.59 13.75
C THR C 64 -9.72 -47.37 12.94
N LEU C 65 -9.89 -46.83 11.74
CA LEU C 65 -8.76 -46.44 10.94
C LEU C 65 -7.77 -45.56 11.64
N LEU C 66 -8.25 -44.44 12.16
CA LEU C 66 -7.38 -43.47 12.85
C LEU C 66 -6.83 -44.08 14.14
N THR C 67 -7.65 -44.85 14.85
CA THR C 67 -7.19 -45.52 16.04
C THR C 67 -5.95 -46.37 15.77
N ASP C 68 -6.00 -47.07 14.64
CA ASP C 68 -4.91 -47.96 14.29
C ASP C 68 -3.80 -47.36 13.45
N ASN C 69 -4.06 -46.24 12.76
CA ASN C 69 -3.10 -45.73 11.79
C ASN C 69 -2.76 -44.28 11.92
N TYR C 70 -3.29 -43.60 12.92
CA TYR C 70 -3.12 -42.14 12.88
C TYR C 70 -1.71 -41.68 13.45
N VAL C 71 -1.52 -40.41 13.76
CA VAL C 71 -0.20 -39.93 14.28
C VAL C 71 0.35 -40.65 15.54
N GLU C 72 1.62 -41.01 15.47
CA GLU C 72 2.42 -41.47 16.59
C GLU C 72 3.48 -40.46 16.98
N ASP C 73 3.92 -40.55 18.23
CA ASP C 73 5.03 -39.67 18.64
C ASP C 73 6.26 -40.25 17.96
N ASP C 74 7.39 -39.55 18.10
CA ASP C 74 8.62 -39.91 17.35
C ASP C 74 9.27 -41.21 17.76
N ASP C 75 9.03 -41.63 19.00
CA ASP C 75 9.52 -42.91 19.43
C ASP C 75 8.42 -43.98 19.46
N ASN C 76 7.34 -43.72 18.71
CA ASN C 76 6.27 -44.71 18.56
C ASN C 76 5.80 -45.41 19.84
N ILE C 77 5.59 -44.65 20.90
CA ILE C 77 5.02 -45.20 22.13
C ILE C 77 3.56 -44.73 22.33
N PHE C 78 3.13 -43.63 21.66
CA PHE C 78 1.79 -43.13 21.81
C PHE C 78 1.21 -42.99 20.38
N ARG C 79 -0.10 -43.07 20.26
CA ARG C 79 -0.82 -42.76 19.02
C ARG C 79 -2.12 -42.02 19.33
N PHE C 80 -2.36 -40.88 18.68
CA PHE C 80 -3.57 -40.11 18.98
C PHE C 80 -4.80 -41.01 18.79
N ASN C 81 -5.81 -40.80 19.62
CA ASN C 81 -7.00 -41.66 19.59
C ASN C 81 -8.26 -40.82 19.68
N TYR C 82 -8.48 -40.00 18.64
CA TYR C 82 -9.65 -39.17 18.58
C TYR C 82 -10.88 -40.04 18.71
N SER C 83 -11.85 -39.64 19.54
CA SER C 83 -13.04 -40.50 19.76
C SER C 83 -14.01 -40.36 18.57
N ALA C 84 -14.88 -41.35 18.44
CA ALA C 84 -15.98 -41.25 17.46
C ALA C 84 -16.78 -39.98 17.72
N GLU C 85 -17.08 -39.65 18.98
CA GLU C 85 -17.91 -38.49 19.21
C GLU C 85 -17.18 -37.20 18.87
N PHE C 86 -15.87 -37.13 19.16
CA PHE C 86 -15.03 -36.02 18.73
C PHE C 86 -15.14 -35.85 17.21
N LEU C 87 -14.93 -36.92 16.49
CA LEU C 87 -14.94 -36.93 15.01
C LEU C 87 -16.24 -36.35 14.48
N LEU C 88 -17.36 -36.68 15.15
CA LEU C 88 -18.63 -36.13 14.76
C LEU C 88 -18.61 -34.64 14.94
N TRP C 89 -18.05 -34.17 16.07
CA TRP C 89 -18.00 -32.75 16.36
C TRP C 89 -17.08 -32.04 15.40
N ALA C 90 -15.90 -32.58 15.17
CA ALA C 90 -14.94 -31.91 14.31
C ALA C 90 -15.36 -31.75 12.88
N LEU C 91 -16.14 -32.69 12.44
CA LEU C 91 -16.51 -32.68 11.02
C LEU C 91 -17.88 -32.23 10.60
N THR C 92 -18.80 -31.99 11.54
CA THR C 92 -20.10 -31.47 11.27
C THR C 92 -20.31 -29.98 11.69
N SER C 93 -19.28 -29.15 11.54
CA SER C 93 -19.39 -27.69 11.83
C SER C 93 -20.33 -27.00 10.84
N PRO C 94 -20.84 -25.78 11.11
CA PRO C 94 -21.86 -25.17 10.27
C PRO C 94 -21.44 -25.15 8.83
N ASN C 95 -22.41 -25.43 7.93
CA ASN C 95 -22.27 -25.46 6.48
C ASN C 95 -21.27 -26.47 5.94
N TYR C 96 -21.03 -27.53 6.72
CA TYR C 96 -20.00 -28.49 6.33
C TYR C 96 -20.52 -29.20 5.11
N LEU C 97 -19.59 -29.73 4.36
CA LEU C 97 -19.89 -30.39 3.09
C LEU C 97 -19.49 -31.85 3.20
N LYS C 98 -20.47 -32.70 2.94
CA LYS C 98 -20.35 -34.13 2.94
C LYS C 98 -19.32 -34.62 1.87
N THR C 99 -19.23 -33.89 0.77
CA THR C 99 -18.23 -34.17 -0.26
C THR C 99 -16.80 -34.06 0.29
N TRP C 100 -16.59 -33.36 1.41
CA TRP C 100 -15.20 -33.14 1.95
C TRP C 100 -14.83 -34.10 3.05
N HIS C 101 -15.65 -35.12 3.27
CA HIS C 101 -15.30 -36.28 4.13
C HIS C 101 -15.05 -37.50 3.27
N ILE C 102 -13.75 -37.77 3.01
CA ILE C 102 -13.40 -38.62 1.83
C ILE C 102 -12.67 -39.84 2.31
N GLY C 103 -13.23 -41.03 2.07
CA GLY C 103 -12.46 -42.21 2.40
C GLY C 103 -12.06 -42.94 1.14
N VAL C 104 -11.19 -43.93 1.32
CA VAL C 104 -10.65 -44.80 0.24
C VAL C 104 -10.87 -46.19 0.85
N LYS C 105 -11.54 -47.03 0.11
CA LYS C 105 -11.76 -48.44 0.60
C LYS C 105 -10.96 -49.38 -0.26
N TYR C 106 -10.50 -50.46 0.36
CA TYR C 106 -10.08 -51.61 -0.42
C TYR C 106 -11.24 -52.49 -0.79
N ASP C 107 -11.41 -52.72 -2.10
CA ASP C 107 -12.56 -53.44 -2.62
C ASP C 107 -12.65 -54.86 -2.04
N ALA C 108 -11.52 -55.52 -1.78
CA ALA C 108 -11.58 -56.94 -1.40
C ALA C 108 -12.04 -57.12 -0.02
N SER C 109 -11.86 -56.11 0.80
CA SER C 109 -12.21 -56.23 2.22
C SER C 109 -13.37 -55.36 2.59
N ASN C 110 -13.61 -54.34 1.75
CA ASN C 110 -14.66 -53.38 1.98
C ASN C 110 -14.35 -52.53 3.17
N LYS C 111 -13.07 -52.39 3.45
CA LYS C 111 -12.65 -51.67 4.62
C LYS C 111 -11.87 -50.38 4.25
N LEU C 112 -12.02 -49.38 5.11
CA LEU C 112 -11.32 -48.13 4.97
C LEU C 112 -9.85 -48.25 5.15
N ILE C 113 -9.07 -47.88 4.12
CA ILE C 113 -7.61 -47.83 4.31
C ILE C 113 -7.06 -46.40 4.15
N GLY C 114 -7.97 -45.43 3.84
CA GLY C 114 -7.50 -44.01 3.77
C GLY C 114 -8.64 -43.11 4.09
N PHE C 115 -8.28 -41.90 4.48
CA PHE C 115 -9.28 -40.85 4.85
C PHE C 115 -8.59 -39.52 4.68
N ILE C 116 -9.37 -38.52 4.22
CA ILE C 116 -9.02 -37.12 4.39
C ILE C 116 -10.29 -36.32 4.57
N SER C 117 -10.18 -35.18 5.19
CA SER C 117 -11.36 -34.33 5.50
C SER C 117 -11.02 -32.81 5.50
N ALA C 118 -12.06 -32.02 5.30
CA ALA C 118 -12.02 -30.60 5.49
C ALA C 118 -13.35 -30.07 5.87
N ILE C 119 -13.32 -28.92 6.51
CA ILE C 119 -14.51 -28.13 6.82
C ILE C 119 -14.21 -26.67 6.37
N PRO C 120 -15.25 -25.92 6.02
CA PRO C 120 -15.15 -24.48 5.64
C PRO C 120 -15.08 -23.53 6.84
N THR C 121 -14.17 -22.58 6.74
CA THR C 121 -14.00 -21.56 7.76
CA THR C 121 -13.98 -21.54 7.76
C THR C 121 -13.50 -20.29 7.07
N ASP C 122 -13.95 -19.12 7.54
CA ASP C 122 -13.38 -17.84 7.09
C ASP C 122 -12.15 -17.62 7.93
N ILE C 123 -11.02 -17.42 7.23
CA ILE C 123 -9.75 -17.22 7.87
C ILE C 123 -9.13 -15.87 7.55
N CYS C 124 -8.75 -15.08 8.58
CA CYS C 124 -8.08 -13.78 8.42
C CYS C 124 -6.58 -14.07 8.48
N ILE C 125 -5.90 -13.83 7.36
CA ILE C 125 -4.43 -13.85 7.28
C ILE C 125 -3.89 -12.43 7.01
N HIS C 126 -3.11 -11.92 7.95
CA HIS C 126 -2.53 -10.53 7.78
C HIS C 126 -3.62 -9.56 7.29
N LYS C 127 -4.77 -9.55 7.96
CA LYS C 127 -5.82 -8.56 7.68
C LYS C 127 -6.57 -8.80 6.35
N ARG C 128 -6.42 -9.97 5.75
CA ARG C 128 -7.27 -10.26 4.61
C ARG C 128 -8.05 -11.52 4.99
N THR C 129 -9.34 -11.48 4.83
CA THR C 129 -10.21 -12.59 5.31
C THR C 129 -10.66 -13.37 4.11
N ILE C 130 -10.34 -14.66 4.09
CA ILE C 130 -10.53 -15.48 2.88
C ILE C 130 -11.35 -16.71 3.26
N LYS C 131 -12.22 -17.21 2.38
CA LYS C 131 -12.90 -18.49 2.72
C LYS C 131 -11.97 -19.65 2.44
N MET C 132 -11.72 -20.46 3.48
CA MET C 132 -10.75 -21.53 3.39
C MET C 132 -11.30 -22.93 3.72
N ALA C 133 -10.57 -23.92 3.27
CA ALA C 133 -10.82 -25.28 3.81
C ALA C 133 -9.85 -25.58 4.93
N GLU C 134 -10.33 -26.08 6.06
CA GLU C 134 -9.40 -26.52 7.15
C GLU C 134 -9.31 -28.01 7.06
N VAL C 135 -8.09 -28.48 6.69
CA VAL C 135 -7.87 -29.90 6.33
CA VAL C 135 -7.92 -29.89 6.35
C VAL C 135 -7.33 -30.61 7.56
N ASN C 136 -7.83 -31.85 7.85
CA ASN C 136 -7.42 -32.64 9.03
C ASN C 136 -7.66 -34.06 8.75
N PHE C 137 -7.00 -34.88 9.56
CA PHE C 137 -7.22 -36.33 9.68
C PHE C 137 -6.74 -37.06 8.45
N LEU C 138 -5.82 -36.47 7.66
CA LEU C 138 -5.20 -37.28 6.57
C LEU C 138 -4.56 -38.52 7.12
N CYS C 139 -4.94 -39.69 6.53
CA CYS C 139 -4.47 -40.99 7.10
C CYS C 139 -4.47 -42.01 6.03
N VAL C 140 -3.36 -42.72 5.91
CA VAL C 140 -3.30 -43.95 5.10
C VAL C 140 -2.87 -45.11 5.98
N HIS C 141 -3.52 -46.26 5.79
CA HIS C 141 -3.23 -47.48 6.57
C HIS C 141 -1.76 -47.75 6.65
N LYS C 142 -1.28 -48.25 7.80
CA LYS C 142 0.17 -48.46 7.98
C LYS C 142 0.78 -49.37 6.93
N THR C 143 -0.02 -50.31 6.46
CA THR C 143 0.43 -51.23 5.45
C THR C 143 0.57 -50.64 4.06
N LEU C 144 0.11 -49.41 3.83
CA LEU C 144 0.10 -48.87 2.46
C LEU C 144 0.91 -47.61 2.36
N ARG C 145 1.87 -47.45 3.24
CA ARG C 145 2.67 -46.24 3.27
C ARG C 145 3.75 -46.20 2.19
N SER C 146 4.23 -44.98 1.94
CA SER C 146 5.18 -44.68 0.90
C SER C 146 4.80 -45.26 -0.48
N LYS C 147 3.52 -45.23 -0.82
CA LYS C 147 3.03 -45.70 -2.12
C LYS C 147 2.46 -44.53 -2.92
N ARG C 148 2.79 -43.32 -2.49
CA ARG C 148 2.20 -42.09 -3.08
C ARG C 148 0.67 -42.13 -3.09
N LEU C 149 -0.01 -42.75 -2.09
CA LEU C 149 -1.46 -42.51 -1.93
C LEU C 149 -1.78 -41.12 -1.38
N ALA C 150 -0.94 -40.60 -0.47
CA ALA C 150 -1.39 -39.31 0.11
C ALA C 150 -1.61 -38.19 -0.92
N PRO C 151 -0.77 -38.06 -1.99
CA PRO C 151 -1.00 -37.01 -2.93
C PRO C 151 -2.31 -37.19 -3.67
N VAL C 152 -2.76 -38.43 -3.77
CA VAL C 152 -4.10 -38.68 -4.35
C VAL C 152 -5.25 -38.11 -3.53
N LEU C 153 -5.31 -38.52 -2.26
CA LEU C 153 -6.15 -37.89 -1.26
C LEU C 153 -6.14 -36.36 -1.25
N ILE C 154 -4.94 -35.80 -1.27
CA ILE C 154 -4.74 -34.36 -1.28
C ILE C 154 -5.22 -33.70 -2.58
N LYS C 155 -4.88 -34.31 -3.73
CA LYS C 155 -5.44 -33.84 -4.99
C LYS C 155 -6.96 -33.96 -5.08
N GLU C 156 -7.51 -35.04 -4.56
CA GLU C 156 -8.93 -35.22 -4.69
C GLU C 156 -9.70 -34.24 -3.80
N ILE C 157 -9.27 -34.01 -2.56
CA ILE C 157 -10.01 -33.06 -1.71
C ILE C 157 -9.83 -31.64 -2.26
N THR C 158 -8.68 -31.33 -2.85
CA THR C 158 -8.50 -30.02 -3.46
C THR C 158 -9.56 -29.81 -4.53
N ARG C 159 -9.73 -30.82 -5.41
CA ARG C 159 -10.70 -30.74 -6.48
C ARG C 159 -12.12 -30.50 -5.91
N ARG C 160 -12.47 -31.19 -4.83
CA ARG C 160 -13.82 -31.05 -4.24
C ARG C 160 -14.03 -29.72 -3.55
N ILE C 161 -12.92 -29.20 -3.00
CA ILE C 161 -12.96 -27.85 -2.41
C ILE C 161 -13.11 -26.79 -3.50
N ASN C 162 -12.39 -26.99 -4.58
CA ASN C 162 -12.48 -25.95 -5.71
C ASN C 162 -13.88 -25.89 -6.29
N LEU C 163 -14.59 -27.02 -6.31
CA LEU C 163 -15.97 -27.08 -6.79
C LEU C 163 -16.90 -26.28 -5.92
N GLU C 164 -16.40 -25.84 -4.79
CA GLU C 164 -17.15 -24.89 -3.92
C GLU C 164 -16.59 -23.51 -4.04
N ASN C 165 -15.78 -23.28 -5.08
CA ASN C 165 -15.20 -21.96 -5.43
C ASN C 165 -14.35 -21.48 -4.26
N ILE C 166 -13.62 -22.45 -3.66
CA ILE C 166 -12.73 -22.19 -2.54
C ILE C 166 -11.38 -22.64 -3.04
N TRP C 167 -10.38 -21.80 -2.82
CA TRP C 167 -9.05 -21.89 -3.51
C TRP C 167 -7.88 -21.82 -2.54
N GLN C 168 -8.16 -21.68 -1.23
CA GLN C 168 -7.10 -21.65 -0.20
C GLN C 168 -7.50 -22.66 0.88
N ALA C 169 -6.48 -23.09 1.61
CA ALA C 169 -6.67 -24.04 2.71
C ALA C 169 -5.69 -23.76 3.84
N ILE C 170 -6.06 -24.13 5.05
CA ILE C 170 -5.09 -24.18 6.20
C ILE C 170 -5.00 -25.60 6.72
N TYR C 171 -3.82 -25.97 7.18
CA TYR C 171 -3.55 -27.29 7.70
C TYR C 171 -2.34 -27.18 8.65
N THR C 172 -2.14 -28.18 9.49
CA THR C 172 -1.03 -28.23 10.45
C THR C 172 -0.42 -29.60 10.31
N ALA C 173 0.89 -29.69 10.45
CA ALA C 173 1.55 -30.97 10.56
C ALA C 173 2.73 -30.84 11.51
N GLY C 174 3.10 -31.97 12.11
CA GLY C 174 4.36 -32.14 12.80
C GLY C 174 5.59 -32.22 11.86
N VAL C 175 5.44 -32.80 10.67
CA VAL C 175 6.56 -32.85 9.72
C VAL C 175 6.75 -31.50 9.04
N TYR C 176 8.00 -31.28 8.65
CA TYR C 176 8.49 -30.09 7.98
C TYR C 176 8.34 -30.31 6.49
N LEU C 177 7.51 -29.43 5.89
CA LEU C 177 7.04 -29.49 4.51
C LEU C 177 7.16 -28.11 3.91
N PRO C 178 7.09 -27.97 2.54
CA PRO C 178 7.03 -26.57 2.09
C PRO C 178 5.73 -25.80 2.24
N LYS C 179 5.72 -24.64 2.91
CA LYS C 179 6.73 -24.09 3.84
C LYS C 179 5.82 -23.43 4.92
N PRO C 180 6.19 -23.61 6.21
CA PRO C 180 5.33 -23.03 7.27
C PRO C 180 5.19 -21.53 7.22
N VAL C 181 3.97 -21.05 7.44
CA VAL C 181 3.74 -19.67 7.76
C VAL C 181 4.12 -19.44 9.22
N SER C 182 4.02 -20.46 10.05
CA SER C 182 4.48 -20.33 11.41
C SER C 182 4.76 -21.68 12.02
N ASP C 183 5.53 -21.69 13.10
CA ASP C 183 5.96 -22.94 13.75
C ASP C 183 5.73 -22.73 15.20
N ALA C 184 5.00 -23.64 15.85
CA ALA C 184 4.80 -23.52 17.29
C ALA C 184 5.16 -24.77 18.06
N ARG C 185 6.14 -24.61 18.94
CA ARG C 185 6.47 -25.69 19.84
C ARG C 185 5.28 -26.01 20.73
N TYR C 186 5.22 -27.28 21.09
CA TYR C 186 4.29 -27.69 22.12
C TYR C 186 4.95 -27.94 23.47
N TYR C 187 4.11 -27.76 24.47
CA TYR C 187 4.42 -27.81 25.90
C TYR C 187 3.28 -28.52 26.63
N HIS C 188 3.65 -29.22 27.73
CA HIS C 188 2.84 -30.14 28.54
C HIS C 188 2.91 -29.83 30.03
N ARG C 189 1.75 -29.84 30.68
N ARG C 189 1.75 -29.85 30.67
CA ARG C 189 1.64 -29.65 32.14
CA ARG C 189 1.68 -29.66 32.13
C ARG C 189 1.15 -30.94 32.74
C ARG C 189 1.15 -30.93 32.74
N SER C 190 2.03 -31.66 33.45
CA SER C 190 1.64 -32.92 34.10
C SER C 190 0.64 -32.67 35.20
N ILE C 191 -0.35 -33.54 35.22
CA ILE C 191 -1.40 -33.51 36.21
C ILE C 191 -1.32 -34.79 37.04
N ASN C 192 -1.32 -35.94 36.36
CA ASN C 192 -1.17 -37.23 37.04
CA ASN C 192 -1.19 -37.22 37.03
C ASN C 192 0.24 -37.73 36.83
N VAL C 193 1.11 -37.31 37.74
CA VAL C 193 2.55 -37.35 37.51
C VAL C 193 2.93 -38.78 37.62
N LYS C 194 2.26 -39.53 38.48
CA LYS C 194 2.62 -40.93 38.65
C LYS C 194 2.49 -41.74 37.33
N LYS C 195 1.30 -41.69 36.74
CA LYS C 195 1.08 -42.21 35.37
C LYS C 195 2.14 -41.73 34.32
N LEU C 196 2.22 -40.43 34.13
CA LEU C 196 3.17 -39.81 33.17
C LEU C 196 4.60 -40.31 33.22
N ILE C 197 5.12 -40.49 34.43
CA ILE C 197 6.45 -41.09 34.55
C ILE C 197 6.46 -42.56 34.09
N GLU C 198 5.45 -43.30 34.57
CA GLU C 198 5.34 -44.76 34.32
C GLU C 198 5.26 -45.13 32.84
N ILE C 199 4.54 -44.31 32.07
CA ILE C 199 4.32 -44.55 30.64
C ILE C 199 5.39 -43.92 29.80
N GLY C 200 6.28 -43.12 30.41
CA GLY C 200 7.26 -42.40 29.62
C GLY C 200 7.01 -41.15 28.76
N PHE C 201 6.24 -40.18 29.26
CA PHE C 201 5.72 -39.06 28.46
C PHE C 201 6.65 -37.84 28.24
N VAL C 219 -1.54 -28.85 43.24
CA VAL C 219 -2.60 -27.97 42.80
C VAL C 219 -3.67 -27.82 43.90
N GLU C 220 -3.88 -26.57 44.26
CA GLU C 220 -4.97 -26.19 45.15
C GLU C 220 -6.31 -26.27 44.39
N ASP C 221 -7.27 -27.03 44.94
CA ASP C 221 -8.58 -27.28 44.31
C ASP C 221 -9.51 -26.06 44.49
N THR C 222 -9.00 -24.86 44.23
CA THR C 222 -9.82 -23.66 44.31
CA THR C 222 -9.80 -23.66 44.32
C THR C 222 -9.53 -22.73 43.13
N LEU C 223 -10.58 -22.27 42.45
CA LEU C 223 -10.35 -21.37 41.30
C LEU C 223 -9.95 -19.99 41.70
N ASN C 224 -9.15 -19.37 40.84
CA ASN C 224 -8.88 -17.95 40.84
C ASN C 224 -10.06 -17.13 40.48
N ILE C 225 -10.84 -17.61 39.52
CA ILE C 225 -12.04 -16.90 39.13
C ILE C 225 -13.21 -17.76 39.63
N LYS C 226 -13.74 -17.45 40.84
CA LYS C 226 -14.73 -18.33 41.54
C LYS C 226 -15.95 -18.75 40.71
N ASN C 227 -16.42 -17.86 39.84
CA ASN C 227 -17.68 -18.12 39.12
C ASN C 227 -17.52 -18.76 37.76
N MET C 228 -16.31 -19.22 37.46
CA MET C 228 -16.10 -19.95 36.20
C MET C 228 -16.98 -21.20 36.06
N ARG C 229 -17.84 -21.26 35.05
CA ARG C 229 -18.83 -22.35 35.02
C ARG C 229 -19.03 -22.83 33.59
N LEU C 230 -19.58 -24.01 33.46
CA LEU C 230 -19.72 -24.52 32.09
C LEU C 230 -20.57 -23.58 31.27
N MET C 231 -20.15 -23.36 30.04
CA MET C 231 -20.85 -22.48 29.14
C MET C 231 -22.21 -23.03 28.79
N LYS C 232 -23.24 -22.16 28.78
CA LYS C 232 -24.60 -22.56 28.39
C LYS C 232 -24.99 -21.84 27.11
N LYS C 233 -26.13 -22.26 26.53
CA LYS C 233 -26.57 -21.71 25.26
C LYS C 233 -26.88 -20.25 25.32
N LYS C 234 -27.32 -19.81 26.49
CA LYS C 234 -27.42 -18.39 26.79
C LYS C 234 -26.15 -17.57 26.56
N ASP C 235 -24.98 -18.20 26.68
CA ASP C 235 -23.70 -17.49 26.62
C ASP C 235 -23.10 -17.29 25.23
N VAL C 236 -23.71 -17.88 24.20
CA VAL C 236 -23.19 -17.83 22.82
C VAL C 236 -22.85 -16.41 22.35
N GLU C 237 -23.79 -15.47 22.42
CA GLU C 237 -23.49 -14.09 21.97
C GLU C 237 -22.33 -13.51 22.75
N GLY C 238 -22.34 -13.72 24.07
CA GLY C 238 -21.22 -13.10 24.84
C GLY C 238 -19.81 -13.66 24.60
N VAL C 239 -19.77 -14.97 24.38
CA VAL C 239 -18.57 -15.67 23.96
C VAL C 239 -18.12 -15.12 22.59
N HIS C 240 -19.11 -14.94 21.71
CA HIS C 240 -18.84 -14.54 20.34
C HIS C 240 -18.16 -13.22 20.38
N LYS C 241 -18.75 -12.29 21.16
CA LYS C 241 -18.27 -10.93 21.35
C LYS C 241 -16.90 -10.96 21.98
N LEU C 242 -16.75 -11.73 23.06
CA LEU C 242 -15.45 -11.74 23.75
C LEU C 242 -14.26 -12.34 22.94
N LEU C 243 -14.47 -13.52 22.39
CA LEU C 243 -13.47 -14.18 21.55
C LEU C 243 -13.34 -13.41 20.27
N GLY C 244 -14.47 -13.05 19.65
CA GLY C 244 -14.32 -12.40 18.37
C GLY C 244 -13.42 -11.15 18.40
N SER C 245 -13.54 -10.33 19.47
CA SER C 245 -12.77 -9.10 19.59
CA SER C 245 -12.77 -9.10 19.58
C SER C 245 -11.33 -9.44 19.91
N TYR C 246 -11.14 -10.48 20.72
CA TYR C 246 -9.80 -10.89 21.17
C TYR C 246 -8.97 -11.37 20.02
N LEU C 247 -9.64 -12.06 19.12
CA LEU C 247 -8.97 -12.70 17.98
C LEU C 247 -8.40 -11.68 16.99
N GLU C 248 -8.98 -10.50 16.93
CA GLU C 248 -8.58 -9.49 15.91
C GLU C 248 -7.12 -9.00 15.93
N GLN C 249 -6.48 -9.17 17.05
CA GLN C 249 -5.10 -8.76 17.19
C GLN C 249 -4.10 -9.60 16.45
N PHE C 250 -4.51 -10.81 16.05
CA PHE C 250 -3.54 -11.78 15.56
C PHE C 250 -3.34 -11.67 14.08
N ASN C 251 -2.23 -12.26 13.62
CA ASN C 251 -1.88 -12.36 12.16
C ASN C 251 -2.61 -13.49 11.46
N LEU C 252 -3.21 -14.42 12.22
CA LEU C 252 -3.86 -15.54 11.62
C LEU C 252 -4.91 -16.06 12.59
N TYR C 253 -6.16 -16.03 12.15
CA TYR C 253 -7.30 -16.48 13.02
C TYR C 253 -8.56 -16.78 12.22
N ALA C 254 -9.41 -17.61 12.79
CA ALA C 254 -10.69 -17.92 12.23
C ALA C 254 -11.64 -16.76 12.63
N VAL C 255 -12.41 -16.30 11.65
CA VAL C 255 -13.46 -15.33 11.92
C VAL C 255 -14.80 -16.10 12.18
N PHE C 256 -15.10 -16.35 13.46
CA PHE C 256 -16.23 -17.17 13.89
C PHE C 256 -17.55 -16.42 13.81
N THR C 257 -18.55 -16.99 13.13
CA THR C 257 -19.92 -16.51 13.22
C THR C 257 -20.51 -17.01 14.55
N LYS C 258 -21.77 -16.59 14.83
CA LYS C 258 -22.49 -17.01 16.05
C LYS C 258 -22.80 -18.47 16.03
N GLU C 259 -23.18 -18.97 14.87
CA GLU C 259 -23.44 -20.38 14.70
CA GLU C 259 -23.45 -20.38 14.80
C GLU C 259 -22.18 -21.20 14.98
N GLU C 260 -21.00 -20.65 14.54
CA GLU C 260 -19.74 -21.34 14.76
C GLU C 260 -19.26 -21.35 16.20
N ILE C 261 -19.48 -20.26 16.93
CA ILE C 261 -19.29 -20.21 18.39
C ILE C 261 -20.07 -21.29 19.10
N ALA C 262 -21.34 -21.38 18.75
CA ALA C 262 -22.22 -22.39 19.35
C ALA C 262 -21.67 -23.79 19.08
N HIS C 263 -21.30 -24.04 17.83
CA HIS C 263 -20.76 -25.34 17.59
C HIS C 263 -19.49 -25.68 18.25
N TRP C 264 -18.47 -24.76 18.14
CA TRP C 264 -17.13 -25.07 18.58
C TRP C 264 -16.89 -24.98 20.07
N PHE C 265 -17.81 -24.38 20.87
CA PHE C 265 -17.63 -24.13 22.26
C PHE C 265 -18.65 -24.74 23.18
N LEU C 266 -19.85 -24.92 22.73
CA LEU C 266 -20.86 -25.47 23.62
C LEU C 266 -20.40 -26.86 24.09
N PRO C 267 -20.46 -27.12 25.39
CA PRO C 267 -19.73 -28.26 25.90
C PRO C 267 -20.33 -29.56 25.51
N ILE C 268 -19.44 -30.48 25.21
CA ILE C 268 -19.74 -31.90 24.98
C ILE C 268 -18.77 -32.78 25.75
N GLU C 269 -19.33 -33.51 26.70
N GLU C 269 -19.35 -33.52 26.70
CA GLU C 269 -18.59 -34.45 27.55
CA GLU C 269 -18.63 -34.49 27.57
C GLU C 269 -17.56 -35.22 26.76
C GLU C 269 -17.58 -35.24 26.77
N ASN C 270 -16.32 -35.15 27.19
CA ASN C 270 -15.22 -35.90 26.56
C ASN C 270 -14.94 -35.54 25.13
N VAL C 271 -15.38 -34.33 24.77
CA VAL C 271 -14.99 -33.78 23.52
C VAL C 271 -14.50 -32.33 23.79
N ILE C 272 -15.42 -31.41 24.16
CA ILE C 272 -15.13 -29.99 24.23
C ILE C 272 -15.63 -29.42 25.57
N TYR C 273 -14.79 -28.62 26.22
CA TYR C 273 -15.03 -28.02 27.58
C TYR C 273 -14.80 -26.53 27.55
N THR C 274 -15.88 -25.81 27.82
CA THR C 274 -15.85 -24.37 27.78
C THR C 274 -16.52 -23.92 29.05
N TYR C 275 -15.79 -23.03 29.74
CA TYR C 275 -16.16 -22.34 30.97
C TYR C 275 -16.14 -20.86 30.70
N VAL C 276 -17.04 -20.19 31.38
CA VAL C 276 -17.09 -18.76 31.28
C VAL C 276 -17.35 -18.12 32.64
N ASN C 277 -16.91 -16.88 32.71
CA ASN C 277 -17.22 -16.03 33.84
C ASN C 277 -18.18 -14.97 33.44
N GLU C 278 -19.41 -15.12 33.93
CA GLU C 278 -20.45 -14.08 33.72
C GLU C 278 -20.44 -13.10 34.91
N GLU C 279 -20.23 -11.82 34.60
CA GLU C 279 -20.21 -10.73 35.58
CA GLU C 279 -20.19 -10.72 35.57
C GLU C 279 -21.09 -9.57 35.13
N ASN C 280 -21.99 -9.12 36.02
CA ASN C 280 -22.91 -8.04 35.72
C ASN C 280 -23.56 -8.22 34.34
N GLY C 281 -24.02 -9.45 34.07
CA GLY C 281 -24.68 -9.83 32.80
C GLY C 281 -23.84 -9.94 31.53
N LYS C 282 -22.55 -10.23 31.65
CA LYS C 282 -21.67 -10.23 30.48
C LYS C 282 -20.65 -11.31 30.64
N ILE C 283 -20.29 -11.97 29.53
CA ILE C 283 -19.20 -12.94 29.58
C ILE C 283 -17.88 -12.15 29.53
N LYS C 284 -17.09 -12.21 30.62
CA LYS C 284 -15.86 -11.45 30.70
C LYS C 284 -14.53 -12.29 30.68
N ASP C 285 -14.67 -13.59 30.80
CA ASP C 285 -13.53 -14.53 30.80
C ASP C 285 -14.02 -15.83 30.25
N MET C 286 -13.12 -16.52 29.51
CA MET C 286 -13.44 -17.86 29.00
C MET C 286 -12.20 -18.74 29.03
N ILE C 287 -12.50 -20.00 29.22
CA ILE C 287 -11.52 -21.10 29.19
C ILE C 287 -12.08 -22.21 28.30
N SER C 288 -11.23 -22.75 27.42
CA SER C 288 -11.65 -23.88 26.64
C SER C 288 -10.48 -24.82 26.42
N PHE C 289 -10.81 -26.11 26.45
CA PHE C 289 -9.92 -27.17 26.04
C PHE C 289 -10.69 -28.37 25.53
N TYR C 290 -10.05 -29.03 24.59
CA TYR C 290 -10.62 -30.26 24.07
C TYR C 290 -9.89 -31.53 24.46
N SER C 291 -10.66 -32.62 24.36
CA SER C 291 -10.19 -33.90 24.79
C SER C 291 -9.62 -34.71 23.64
N LEU C 292 -8.33 -35.09 23.72
CA LEU C 292 -7.68 -36.01 22.76
C LEU C 292 -6.82 -36.99 23.52
N PRO C 293 -7.36 -38.21 23.80
CA PRO C 293 -6.57 -39.28 24.35
C PRO C 293 -5.45 -39.77 23.41
N SER C 294 -4.38 -40.33 23.97
CA SER C 294 -3.48 -41.09 23.14
C SER C 294 -3.54 -42.53 23.60
N GLN C 295 -3.47 -43.44 22.64
CA GLN C 295 -3.25 -44.81 22.95
C GLN C 295 -1.77 -45.01 23.30
N ILE C 296 -1.55 -45.79 24.37
CA ILE C 296 -0.22 -46.05 24.87
C ILE C 296 0.17 -47.40 24.28
N LEU C 297 1.31 -47.40 23.58
CA LEU C 297 1.64 -48.51 22.67
C LEU C 297 2.61 -49.36 23.48
N GLY C 298 2.28 -50.64 23.53
CA GLY C 298 3.11 -51.66 24.13
C GLY C 298 3.33 -51.51 25.62
N ASN C 299 2.27 -51.13 26.33
CA ASN C 299 2.33 -50.96 27.75
C ASN C 299 1.15 -51.70 28.40
N ASP C 300 1.51 -52.78 29.06
CA ASP C 300 0.53 -53.77 29.44
C ASP C 300 -0.11 -53.39 30.75
N LYS C 301 0.33 -52.26 31.29
CA LYS C 301 -0.20 -51.75 32.54
C LYS C 301 -1.22 -50.61 32.29
N TYR C 302 -0.79 -49.57 31.54
CA TYR C 302 -1.67 -48.45 31.10
C TYR C 302 -2.00 -48.50 29.59
N SER C 303 -3.28 -48.39 29.26
CA SER C 303 -3.66 -48.37 27.88
C SER C 303 -3.87 -46.98 27.27
N THR C 304 -4.33 -45.99 28.06
CA THR C 304 -4.85 -44.71 27.50
C THR C 304 -4.32 -43.51 28.31
N LEU C 305 -3.84 -42.47 27.63
CA LEU C 305 -3.40 -41.24 28.22
C LEU C 305 -4.58 -40.30 27.98
N ASN C 306 -5.13 -39.73 29.05
CA ASN C 306 -6.26 -38.79 28.89
C ASN C 306 -5.75 -37.39 28.94
N ALA C 307 -5.98 -36.69 27.87
CA ALA C 307 -5.21 -35.48 27.68
C ALA C 307 -6.06 -34.33 27.24
N ALA C 308 -5.92 -33.22 27.90
CA ALA C 308 -6.64 -32.00 27.49
C ALA C 308 -5.75 -31.07 26.67
N TYR C 309 -6.34 -30.47 25.64
CA TYR C 309 -5.57 -29.60 24.68
C TYR C 309 -6.14 -28.20 24.80
N SER C 310 -5.35 -27.26 25.27
CA SER C 310 -5.80 -25.90 25.31
C SER C 310 -6.34 -25.39 23.95
N PHE C 311 -7.49 -24.70 24.00
CA PHE C 311 -8.21 -24.25 22.82
C PHE C 311 -8.19 -22.74 22.79
N TYR C 312 -9.25 -22.07 23.32
CA TYR C 312 -9.29 -20.59 23.31
C TYR C 312 -9.58 -20.15 24.75
N ASN C 313 -8.77 -19.18 25.17
CA ASN C 313 -8.78 -18.69 26.57
C ASN C 313 -8.60 -17.21 26.51
N VAL C 314 -9.52 -16.45 27.16
CA VAL C 314 -9.43 -15.00 27.19
C VAL C 314 -9.74 -14.65 28.63
N THR C 315 -9.09 -13.60 29.09
CA THR C 315 -9.33 -13.05 30.44
C THR C 315 -9.34 -11.57 30.29
N THR C 316 -10.40 -10.99 30.85
CA THR C 316 -10.49 -9.54 31.07
C THR C 316 -10.66 -9.10 32.54
N THR C 317 -10.83 -10.01 33.48
CA THR C 317 -10.89 -9.59 34.87
C THR C 317 -9.68 -10.15 35.68
N ALA C 318 -8.78 -10.95 35.09
CA ALA C 318 -7.69 -11.56 35.85
C ALA C 318 -6.46 -11.55 34.97
N THR C 319 -5.38 -12.15 35.48
CA THR C 319 -4.15 -12.26 34.68
C THR C 319 -4.25 -13.55 33.82
N PHE C 320 -3.57 -13.55 32.67
CA PHE C 320 -3.54 -14.77 31.86
C PHE C 320 -3.00 -15.96 32.62
N LYS C 321 -1.98 -15.73 33.45
CA LYS C 321 -1.44 -16.80 34.32
C LYS C 321 -2.56 -17.42 35.20
N GLN C 322 -3.34 -16.60 35.89
CA GLN C 322 -4.43 -17.06 36.74
C GLN C 322 -5.56 -17.76 35.96
N LEU C 323 -5.94 -17.20 34.79
CA LEU C 323 -6.81 -17.88 33.84
C LEU C 323 -6.26 -19.29 33.53
N MET C 324 -5.00 -19.42 33.08
CA MET C 324 -4.49 -20.72 32.66
C MET C 324 -4.35 -21.69 33.83
N GLN C 325 -4.08 -21.12 35.01
CA GLN C 325 -4.01 -21.86 36.19
C GLN C 325 -5.37 -22.50 36.46
N ASP C 326 -6.40 -21.69 36.30
CA ASP C 326 -7.79 -22.20 36.42
C ASP C 326 -8.13 -23.28 35.35
N ALA C 327 -7.65 -23.07 34.13
CA ALA C 327 -7.76 -24.12 33.08
C ALA C 327 -7.11 -25.45 33.45
N ILE C 328 -5.86 -25.46 33.93
CA ILE C 328 -5.17 -26.66 34.45
C ILE C 328 -6.02 -27.29 35.56
N LEU C 329 -6.55 -26.48 36.48
CA LEU C 329 -7.43 -27.04 37.52
C LEU C 329 -8.76 -27.63 37.03
N LEU C 330 -9.38 -26.97 36.07
CA LEU C 330 -10.57 -27.50 35.51
C LEU C 330 -10.27 -28.81 34.82
N ALA C 331 -9.11 -28.85 34.19
CA ALA C 331 -8.66 -30.07 33.48
C ALA C 331 -8.53 -31.19 34.49
N LYS C 332 -7.96 -30.86 35.62
CA LYS C 332 -7.77 -31.84 36.69
C LYS C 332 -9.07 -32.40 37.27
N ARG C 333 -10.02 -31.46 37.48
CA ARG C 333 -11.27 -31.77 38.03
C ARG C 333 -11.97 -32.69 37.04
N ASN C 334 -11.71 -32.53 35.75
CA ASN C 334 -12.34 -33.42 34.76
C ASN C 334 -11.49 -34.59 34.32
N ASN C 335 -10.56 -34.97 35.17
CA ASN C 335 -9.84 -36.25 35.15
C ASN C 335 -8.78 -36.39 34.08
N PHE C 336 -8.37 -35.29 33.50
CA PHE C 336 -7.19 -35.32 32.63
C PHE C 336 -5.87 -35.60 33.34
N ASP C 337 -5.02 -36.38 32.67
CA ASP C 337 -3.68 -36.70 33.16
C ASP C 337 -2.70 -35.62 32.85
N VAL C 338 -2.99 -34.88 31.79
CA VAL C 338 -1.99 -33.92 31.27
C VAL C 338 -2.78 -32.77 30.61
N PHE C 339 -2.15 -31.59 30.52
CA PHE C 339 -2.77 -30.49 29.81
C PHE C 339 -1.73 -29.88 28.89
N ASN C 340 -2.04 -29.97 27.57
CA ASN C 340 -1.20 -29.64 26.44
C ASN C 340 -1.47 -28.28 25.86
N ALA C 341 -0.42 -27.59 25.47
CA ALA C 341 -0.66 -26.29 24.84
C ALA C 341 0.41 -26.00 23.83
N LEU C 342 0.15 -25.09 22.89
CA LEU C 342 1.17 -24.66 21.95
C LEU C 342 1.53 -23.20 22.27
N GLU C 343 2.75 -22.77 21.93
CA GLU C 343 3.19 -21.33 22.11
C GLU C 343 2.48 -20.34 21.17
N VAL C 344 1.16 -20.41 21.08
CA VAL C 344 0.42 -19.44 20.26
C VAL C 344 -0.36 -18.52 21.19
N MET C 345 -0.85 -17.41 20.61
CA MET C 345 -1.61 -16.38 21.34
C MET C 345 -0.74 -16.02 22.55
N GLN C 346 -1.31 -16.02 23.76
CA GLN C 346 -0.61 -15.58 25.01
C GLN C 346 0.05 -16.70 25.81
N ASN C 347 -0.03 -17.94 25.30
CA ASN C 347 0.41 -19.08 26.03
C ASN C 347 1.86 -19.15 26.48
N LYS C 348 2.79 -18.61 25.66
CA LYS C 348 4.20 -18.79 26.05
CA LYS C 348 4.21 -18.75 26.03
C LYS C 348 4.43 -18.00 27.34
N SER C 349 3.70 -16.90 27.51
CA SER C 349 3.87 -16.06 28.70
C SER C 349 3.65 -16.82 30.00
N VAL C 350 3.04 -18.00 30.01
CA VAL C 350 2.75 -18.63 31.28
C VAL C 350 3.35 -19.98 31.43
N PHE C 351 4.06 -20.43 30.42
CA PHE C 351 4.51 -21.79 30.48
C PHE C 351 5.42 -22.04 31.66
N GLU C 352 6.31 -21.08 31.93
CA GLU C 352 7.35 -21.27 32.94
C GLU C 352 6.83 -21.31 34.39
N ASP C 353 5.93 -20.40 34.73
CA ASP C 353 5.37 -20.24 36.07
C ASP C 353 4.35 -21.30 36.30
N LEU C 354 3.58 -21.65 35.26
CA LEU C 354 2.61 -22.74 35.44
C LEU C 354 3.20 -24.15 35.25
N LYS C 355 4.54 -24.22 35.15
CA LYS C 355 5.33 -25.48 35.14
C LYS C 355 5.13 -26.40 33.94
N PHE C 356 4.84 -25.83 32.80
CA PHE C 356 4.84 -26.58 31.55
C PHE C 356 6.22 -27.06 31.12
N GLY C 357 6.33 -28.37 30.83
CA GLY C 357 7.46 -28.90 30.06
C GLY C 357 7.43 -28.60 28.56
N GLU C 358 8.56 -28.18 27.97
CA GLU C 358 8.70 -28.14 26.52
C GLU C 358 8.67 -29.55 25.98
N GLY C 359 7.89 -29.76 24.93
CA GLY C 359 7.87 -31.05 24.26
C GLY C 359 9.12 -31.26 23.42
N ASP C 360 9.07 -32.31 22.61
CA ASP C 360 10.19 -32.79 21.81
C ASP C 360 10.28 -32.14 20.43
N GLY C 361 9.17 -31.55 19.97
CA GLY C 361 9.13 -30.90 18.67
C GLY C 361 8.07 -29.83 18.58
N SER C 362 7.50 -29.68 17.40
CA SER C 362 6.69 -28.50 17.12
C SER C 362 5.64 -28.83 16.04
N LEU C 363 4.67 -27.92 15.96
CA LEU C 363 3.56 -27.99 15.02
C LEU C 363 3.73 -26.89 14.02
N LYS C 364 3.68 -27.28 12.76
CA LYS C 364 3.87 -26.31 11.73
C LYS C 364 2.55 -25.97 11.20
N TYR C 365 2.32 -24.69 11.02
CA TYR C 365 1.16 -24.21 10.35
C TYR C 365 1.44 -23.93 8.88
N TYR C 366 0.48 -24.35 8.01
CA TYR C 366 0.57 -24.09 6.58
C TYR C 366 -0.69 -23.52 5.97
N LEU C 367 -0.52 -22.77 4.90
CA LEU C 367 -1.56 -22.35 3.97
C LEU C 367 -1.29 -22.94 2.60
N TYR C 368 -2.38 -23.15 1.87
CA TYR C 368 -2.34 -23.65 0.51
C TYR C 368 -2.81 -22.58 -0.38
N ASN C 369 -2.11 -22.36 -1.48
CA ASN C 369 -2.30 -21.23 -2.40
C ASN C 369 -2.27 -19.84 -1.82
N TRP C 370 -1.37 -19.59 -0.88
CA TRP C 370 -1.38 -18.23 -0.25
C TRP C 370 0.01 -17.90 0.02
N LYS C 371 0.41 -16.72 -0.40
CA LYS C 371 1.83 -16.29 -0.17
C LYS C 371 1.82 -15.06 0.75
N CYS C 372 2.66 -15.14 1.77
CA CYS C 372 2.79 -14.11 2.79
C CYS C 372 4.04 -14.31 3.60
N ALA C 373 4.43 -13.25 4.31
CA ALA C 373 5.53 -13.36 5.21
C ALA C 373 5.19 -14.35 6.34
N SER C 374 6.15 -15.18 6.69
CA SER C 374 5.96 -15.95 7.91
C SER C 374 6.03 -15.12 9.20
N PHE C 375 5.72 -15.79 10.31
CA PHE C 375 5.68 -15.02 11.58
C PHE C 375 5.86 -15.90 12.77
N ALA C 376 6.27 -15.28 13.87
CA ALA C 376 6.33 -15.85 15.18
C ALA C 376 5.00 -16.37 15.73
N PRO C 377 5.06 -17.48 16.42
CA PRO C 377 3.71 -18.06 16.67
C PRO C 377 2.89 -17.34 17.75
N ALA C 378 3.46 -16.40 18.50
CA ALA C 378 2.67 -15.56 19.36
C ALA C 378 1.66 -14.78 18.49
N HIS C 379 1.93 -14.71 17.17
CA HIS C 379 1.00 -14.07 16.27
C HIS C 379 -0.02 -15.03 15.69
N VAL C 380 0.09 -16.34 15.99
CA VAL C 380 -0.94 -17.32 15.56
C VAL C 380 -2.11 -17.16 16.57
N GLY C 381 -3.28 -16.89 16.04
CA GLY C 381 -4.50 -16.97 16.85
C GLY C 381 -5.53 -18.01 16.44
N ILE C 382 -5.03 -19.14 16.00
CA ILE C 382 -5.94 -20.28 15.63
C ILE C 382 -5.35 -21.56 16.13
N VAL C 383 -6.19 -22.40 16.74
CA VAL C 383 -5.83 -23.74 17.18
C VAL C 383 -6.67 -24.75 16.44
N LEU C 384 -6.00 -25.59 15.64
CA LEU C 384 -6.67 -26.68 14.92
C LEU C 384 -6.60 -27.94 15.74
N LEU C 385 -7.44 -28.88 15.35
CA LEU C 385 -7.75 -30.03 16.21
C LEU C 385 -6.68 -31.15 16.12
S DMS D . 22.58 0.79 -6.87
O DMS D . 21.47 1.47 -7.62
C1 DMS D . 21.97 -0.25 -5.67
C2 DMS D . 23.40 2.02 -6.01
C 4XB E . 22.49 16.49 -9.88
N 4XB E . 24.80 12.60 -9.44
O 4XB E . 21.01 18.18 -6.91
C1 4XB E . 21.81 16.92 -8.62
O1 4XB E . 21.42 13.83 -8.71
C2 4XB E . 21.67 18.25 -8.07
O2 4XB E . 22.25 20.47 -7.78
C3 4XB E . 20.68 16.88 -6.73
C4 4XB E . 19.96 16.32 -5.59
C5 4XB E . 19.75 14.96 -5.58
C6 4XB E . 20.23 14.11 -6.58
C7 4XB E . 20.93 14.65 -7.69
C8 4XB E . 22.05 12.55 -8.55
C9 4XB E . 22.43 11.72 -9.80
C10 4XB E . 23.78 12.09 -10.38
C11 4XB E . 24.38 13.28 -8.20
C12 4XB E . 23.20 12.61 -7.58
C13 4XB E . 21.17 16.02 -7.73
C14 4XB E . 22.20 19.55 -8.54
C15 4XB E . 25.97 22.48 -5.99
C19 4XB E . 23.35 20.91 -10.13
C20 4XB E . 24.80 20.79 -9.74
C21 4XB E . 25.78 20.23 -10.58
C22 4XB E . 27.08 20.11 -10.12
C23 4XB E . 27.47 20.58 -8.85
C24 4XB E . 26.45 21.14 -8.05
C25 4XB E . 25.15 21.25 -8.49
OAQ 4XB E . 26.75 21.61 -6.82
OAR 4XB E . 22.72 19.69 -9.87
S1 NHW F . 25.30 11.83 -16.14
C2 NHW F . 26.83 12.80 -16.06
C3 NHW F . 27.80 12.58 -17.30
N4 NHW F . 29.10 13.27 -17.10
C5 NHW F . 29.11 14.60 -17.16
O5 NHW F . 28.09 15.25 -17.48
C6 NHW F . 30.48 15.23 -16.90
C7 NHW F . 30.96 16.38 -17.80
N8 NHW F . 30.81 16.23 -19.23
C9 NHW F . 31.53 15.35 -19.95
O9 NHW F . 32.34 14.52 -19.46
CP NHW F . 25.68 10.27 -15.37
C10 NHW F . 31.15 15.27 -21.44
O10 NHW F . 30.28 16.40 -21.75
C11 NHW F . 30.40 13.88 -21.72
C12 NHW F . 29.89 13.90 -23.17
C13 NHW F . 29.12 13.80 -20.86
C14 NHW F . 31.35 12.70 -21.51
N1A NHW F . 24.61 10.54 -21.23
O1A NHW F . 30.97 14.80 -28.67
P1A NHW F . 30.70 13.96 -27.49
C1M NHW F . 26.33 9.27 -16.30
O1M NHW F . 27.53 9.06 -16.14
C1X NHW F . 25.74 12.27 -25.99
C2A NHW F . 24.43 9.96 -22.40
O2A NHW F . 31.83 13.07 -27.03
P2A NHW F . 30.97 15.38 -25.02
C2M NHW F . 25.45 8.47 -17.20
C2X NHW F . 25.33 13.54 -26.74
O2X NHW F . 23.91 13.70 -26.69
N3A NHW F . 24.78 10.57 -23.56
O3A NHW F . 30.14 14.81 -26.34
C3M NHW F . 26.08 8.22 -18.57
C3X NHW F . 25.78 13.23 -28.17
O3X NHW F . 24.92 12.18 -28.75
P3X NHW F . 23.83 12.69 -29.82
C4A NHW F . 25.37 11.78 -23.51
O4A NHW F . 32.42 15.70 -25.41
C4M NHW F . 25.03 7.51 -19.47
C4X NHW F . 27.09 12.49 -27.85
O4X NHW F . 27.02 12.12 -26.44
C5A NHW F . 25.60 12.42 -22.32
O5A NHW F . 30.12 16.49 -24.49
C5M NHW F . 25.76 7.00 -20.74
C5X NHW F . 28.12 13.63 -27.87
O5X NHW F . 29.36 13.10 -27.64
C6A NHW F . 25.20 11.74 -21.14
N6A NHW F . 25.32 12.26 -19.93
O6A NHW F . 31.06 14.20 -24.00
C6M NHW F . 24.80 6.22 -21.57
N7A NHW F . 26.20 13.62 -22.57
O7A NHW F . 22.84 11.49 -30.10
C7M NHW F . 24.69 4.77 -21.11
C8A NHW F . 26.34 13.72 -23.90
O8A NHW F . 22.89 13.75 -29.11
C8M NHW F . 23.90 3.85 -22.09
N9A NHW F . 25.84 12.60 -24.50
O9A NHW F . 24.46 13.16 -31.06
C9M NHW F . 23.85 2.41 -21.58
CAM NHW F . 25.01 1.53 -22.10
CBM NHW F . 25.08 0.12 -21.59
CCM NHW F . 24.00 -0.70 -22.25
CDM NHW F . 24.06 -2.12 -21.88
CEM NHW F . 22.77 -2.92 -22.32
CL CL G . 29.62 1.61 -34.66
MG MG H . 34.38 14.05 -27.05
S DMS I . -19.94 11.50 -5.15
O DMS I . -18.72 11.22 -4.32
C1 DMS I . -19.98 10.45 -6.50
C2 DMS I . -19.82 12.99 -6.03
C 4XB J . -12.87 25.54 -6.77
N 4XB J . -16.53 23.15 -5.93
O 4XB J . -11.07 25.39 -10.07
C1 4XB J . -12.20 25.32 -8.10
O1 4XB J . -13.32 22.48 -7.06
C2 4XB J . -11.48 26.16 -9.04
O2 4XB J . -11.11 28.19 -10.08
C3 4XB J . -11.42 24.14 -9.79
C4 4XB J . -11.13 23.13 -10.69
C5 4XB J . -11.57 21.90 -10.34
C6 4XB J . -12.31 21.70 -9.16
C7 4XB J . -12.63 22.74 -8.23
C8 4XB J . -14.49 21.65 -7.09
C9 4XB J . -14.89 21.30 -5.65
C10 4XB J . -16.03 22.09 -5.05
C11 4XB J . -16.68 22.75 -7.31
C12 4XB J . -15.37 22.51 -7.96
C13 4XB J . -12.17 24.01 -8.60
C14 4XB J . -11.27 27.63 -9.04
C15 4XB J . -13.68 31.17 -12.57
C19 4XB J . -11.72 29.79 -7.86
C20 4XB J . -13.07 30.17 -8.44
C21 4XB J . -14.15 30.21 -7.54
C22 4XB J . -15.39 30.57 -8.05
C23 4XB J . -15.56 30.89 -9.40
C24 4XB J . -14.52 30.80 -10.32
C25 4XB J . -13.25 30.46 -9.81
OAQ 4XB J . -14.79 31.14 -11.63
OAR 4XB J . -11.44 28.38 -7.85
S1 NHW K . -17.04 24.91 0.33
C2 NHW K . -18.10 26.30 -0.21
C3 NHW K . -18.97 26.85 0.95
N4 NHW K . -19.64 28.12 0.56
C5 NHW K . -19.09 29.28 0.20
O5 NHW K . -17.89 29.55 0.26
C6 NHW K . -20.19 30.23 -0.30
C7 NHW K . -19.89 31.67 -0.02
N8 NHW K . -19.78 31.86 1.42
C9 NHW K . -20.78 31.63 2.27
O9 NHW K . -21.96 31.33 1.96
CP NHW K . -18.08 23.46 -0.13
C10 NHW K . -20.33 31.88 3.74
O10 NHW K . -19.07 32.58 3.78
C11 NHW K . -20.20 30.55 4.58
C12 NHW K . -19.69 30.81 6.00
C13 NHW K . -19.24 29.54 3.96
C14 NHW K . -21.56 29.92 4.72
N1A NHW K . -16.57 25.16 5.64
O1A NHW K . -19.87 33.81 10.80
P1A NHW K . -20.15 32.52 10.02
C1M NHW K . -18.97 23.07 1.06
O1M NHW K . -20.11 23.46 1.06
C1X NHW K . -16.54 28.55 9.37
C2A NHW K . -16.67 24.92 6.97
O2A NHW K . -21.54 32.01 9.85
P2A NHW K . -20.00 33.20 7.20
C2M NHW K . -18.40 22.42 2.28
C2X NHW K . -15.50 29.58 9.79
O2X NHW K . -14.20 29.00 9.76
N3A NHW K . -16.61 25.96 7.80
O3A NHW K . -19.41 32.70 8.64
C3M NHW K . -19.08 22.88 3.59
C3X NHW K . -15.95 29.83 11.21
O3X NHW K . -15.61 28.81 12.14
P3X NHW K . -14.33 29.08 13.20
C4A NHW K . -16.58 27.18 7.28
O4A NHW K . -18.82 33.70 6.47
C4M NHW K . -18.42 22.07 4.67
C4X NHW K . -17.48 29.78 11.05
O4X NHW K . -17.72 29.17 9.80
C5A NHW K . -16.51 27.41 5.90
O5A NHW K . -21.28 34.03 7.27
C5M NHW K . -19.28 22.23 5.91
C5X NHW K . -17.89 31.22 10.80
O5X NHW K . -19.32 31.33 10.59
C6A NHW K . -16.50 26.36 5.06
N6A NHW K . -16.49 26.46 3.69
O6A NHW K . -20.55 31.80 6.59
C6M NHW K . -18.65 21.59 7.09
N7A NHW K . -16.51 28.73 5.74
O7A NHW K . -13.11 29.60 12.17
C7M NHW K . -19.26 20.20 7.18
C8A NHW K . -16.49 29.30 6.94
O8A NHW K . -14.64 30.26 14.07
C8M NHW K . -18.68 19.34 8.32
N9A NHW K . -16.55 28.34 7.88
O9A NHW K . -13.95 27.74 13.90
C9M NHW K . -19.29 17.97 8.43
CAM NHW K . -20.80 17.92 8.89
CBM NHW K . -21.48 16.51 8.88
CCM NHW K . -20.86 15.62 9.87
CDM NHW K . -21.66 14.32 9.95
CEM NHW K . -20.95 13.33 10.83
S SO4 L . 4.92 21.75 -8.37
O1 SO4 L . 6.34 22.10 -8.53
O2 SO4 L . 4.17 22.34 -9.51
O3 SO4 L . 4.53 22.25 -7.03
O4 SO4 L . 4.72 20.28 -8.34
CL CL M . -24.03 23.71 20.65
MG MG N . -23.37 34.42 9.36
S DMS O . -11.97 -24.22 13.40
O DMS O . -10.74 -23.41 13.13
C1 DMS O . -12.69 -23.60 14.83
C2 DMS O . -11.75 -25.83 13.94
C 4XB P . 0.82 -32.77 17.84
N 4XB P . -3.42 -32.41 15.94
O 4XB P . 1.58 -31.89 21.55
C1 4XB P . 0.98 -32.30 19.31
O1 4XB P . -1.16 -30.63 17.91
C2 4XB P . 1.87 -32.64 20.46
O2 4XB P . 3.18 -33.98 21.82
C3 4XB P . 0.63 -31.03 21.11
C4 4XB P . 0.04 -30.07 21.92
C5 4XB P . -0.92 -29.21 21.34
C6 4XB P . -1.31 -29.43 20.02
C7 4XB P . -0.76 -30.42 19.22
C8 4XB P . -2.51 -30.29 17.55
C9 4XB P . -2.67 -30.15 16.02
C10 4XB P . -2.47 -31.47 15.35
C11 4XB P . -3.17 -32.64 17.40
C12 4XB P . -3.44 -31.35 18.13
C13 4XB P . 0.22 -31.24 19.78
C14 4XB P . 2.81 -33.74 20.69
C15 4XB P . 1.60 -38.29 23.58
C19 4XB P . 3.79 -35.77 19.80
C20 4XB P . 2.74 -36.87 19.85
C21 4XB P . 2.17 -37.47 18.70
C22 4XB P . 1.20 -38.47 18.83
C23 4XB P . 0.67 -38.85 20.06
C24 4XB P . 1.24 -38.23 21.18
C25 4XB P . 2.25 -37.21 21.06
OAQ 4XB P . 0.78 -38.60 22.43
OAR 4XB P . 3.16 -34.53 19.59
S1 NHW Q . -1.07 -33.79 10.08
C2 NHW Q . -1.21 -35.61 10.29
C3 NHW Q . -1.29 -36.37 8.98
N4 NHW Q . -1.49 -37.79 9.30
C5 NHW Q . -0.54 -38.57 9.88
O5 NHW Q . 0.60 -38.23 10.19
C6 NHW Q . -1.05 -39.97 10.23
C7 NHW Q . -0.04 -41.12 10.05
N8 NHW Q . 0.66 -41.02 8.76
C9 NHW Q . 0.03 -41.42 7.64
O9 NHW Q . -1.16 -41.75 7.56
CP NHW Q . -2.79 -33.22 10.09
C10 NHW Q . 0.77 -41.32 6.33
O10 NHW Q . 2.18 -41.37 6.68
C11 NHW Q . 0.46 -39.98 5.51
C12 NHW Q . 1.53 -39.78 4.36
C13 NHW Q . 0.42 -38.74 6.39
C14 NHW Q . -0.92 -40.06 4.91
N1A NHW Q . 0.75 -33.24 5.21
O1A NHW Q . 3.94 -41.92 -0.32
P1A NHW Q . 2.87 -41.10 0.39
C1M NHW Q . -3.38 -33.36 8.70
O1M NHW Q . -4.17 -34.30 8.46
C1X NHW Q . 3.47 -35.77 1.67
C2A NHW Q . 0.90 -32.90 3.93
O2A NHW Q . 1.47 -41.54 0.28
P2A NHW Q . 2.72 -41.73 3.23
C2M NHW Q . -2.96 -32.41 7.62
C2X NHW Q . 4.99 -35.94 1.59
O2X NHW Q . 5.56 -34.65 1.85
N3A NHW Q . 1.68 -33.61 3.10
O3A NHW Q . 3.28 -40.93 1.95
C3M NHW Q . -3.14 -32.97 6.20
C3X NHW Q . 5.11 -36.47 0.14
O3X NHW Q . 5.09 -35.45 -0.77
P3X NHW Q . 6.54 -34.87 -1.42
C4A NHW Q . 2.20 -34.77 3.57
O4A NHW Q . 2.22 -43.09 3.00
C4M NHW Q . -2.79 -31.85 5.22
C4X NHW Q . 3.83 -37.30 -0.01
O4X NHW Q . 3.02 -36.93 1.09
C5A NHW Q . 2.05 -35.15 4.90
O5A NHW Q . 3.67 -41.43 4.36
C5M NHW Q . -2.79 -32.36 3.76
C5X NHW Q . 4.13 -38.70 0.37
O5X NHW Q . 3.05 -39.54 -0.12
C6A NHW Q . 1.28 -34.36 5.73
N6A NHW Q . 1.16 -34.75 7.01
O6A NHW Q . 1.49 -40.95 3.50
C6M NHW Q . -2.57 -31.31 2.65
N7A NHW Q . 2.68 -36.29 5.17
O7A NHW Q . 6.08 -33.74 -2.33
C7M NHW Q . -3.72 -30.32 2.42
C8A NHW Q . 3.23 -36.63 4.01
O8A NHW Q . 7.40 -34.40 -0.22
C8M NHW Q . -3.26 -29.17 1.46
N9A NHW Q . 2.99 -35.72 3.05
O9A NHW Q . 7.28 -35.96 -2.17
C9M NHW Q . -4.46 -28.30 0.93
CAM NHW Q . -5.51 -29.19 0.20
CBM NHW Q . -6.82 -28.50 -0.11
CCM NHW Q . -6.72 -27.22 -0.92
CDM NHW Q . -8.06 -26.50 -1.33
CEM NHW Q . -7.73 -25.21 -2.03
CL CL R . -13.42 -23.40 43.68
MG MG S . 0.99 -44.37 0.37
#